data_6X08
#
_entry.id   6X08
#
_cell.length_a   233.992
_cell.length_b   233.992
_cell.length_c   139.424
_cell.angle_alpha   90.000
_cell.angle_beta   90.000
_cell.angle_gamma   120.000
#
_symmetry.space_group_name_H-M   'P 64 2 2'
#
loop_
_entity.id
_entity.type
_entity.pdbx_description
1 polymer 'Nucleoporin SEH1'
2 polymer 'Nucleoporin NUP85'
3 polymer VHH-SAN2
#
loop_
_entity_poly.entity_id
_entity_poly.type
_entity_poly.pdbx_seq_one_letter_code
_entity_poly.pdbx_strand_id
1 'polypeptide(L)'
;GPGSMQPFDSGHDDLVHDVVYDFYGRHVATCSSDQHIKVFKLDKDTSNWELSDSWRAHDSSIVAIDWASPEYGRIIASAS
YDKTVKLWEEDPDQEECSGRRWNKLCTLNDSKGSLYSVKFAPAHLGLKLACLGNDGILRLYDALEPSDLRSWTLTSEMKV
LSIPPANHLQSDFCLSWCPSRFSPEKLAVSALEQAIIYQRGKDGKLHVAAKLPGHKSLIRSISWAPSIGRWYQLIATGCK
DGRIRIFKITEKLSPLASEESLTNSNMFDNSADVDMDAQGRSDSNTEEKAELQSNLQVELLSEHDDHNGEVWSVSWNLTG
TILSSAGDDGKVRLWKATYSNEFKCMSVITAQQ
;
A
2 'polypeptide(L)'
;MADPMTIDDSNRLLMDVDQFDFLDDGTAQLSNNKTDEEEQLYKRDPVSGAILVPMTVNDQPIEKNGDKMPLKFKLGPLSY
QNMAFITAKDKYKLYPVRIPRLDTSKEFSAYVSGLFEIYRDLGDDRVFNVPTIGVVNSNFAKEHNATVNLAMEAILNELE
VFIGRVKDQDGRVNRFYELEESLTVLNCLRTMYFILDGQDVEENRSEFIESLLNWINRSDGEPDEEYIEQVFSVKDSTAG
KKVFETQYFWKLLNQLVLRGLLSQAIGCIERSDLLPYLSDTCAVSFDAVSDSIELLKQYPKDSSSTFREWKNLVLKLSQA
FGSSATDISGELRDYIEDFLLVIGGNQRKILQYSRTWYESFCGFLLYYIPSLELSAEYLQMSLEANVVDITNDWEQPCVD
IISGKIHSILPVMESLDSCTAAFTAMICEAKGLIENIFEGEKNSDDYSNEDNEMLEDLFSYRNGMASYMLNSFAFELCSL
GDKELWPVAIGLIALSATGTRSAKKMVIAELLPHYPFVTNDDIEWMLSICVEWRLPEIAKEIYTTLGNQMLSAHNIIESI
ANFSRAGK
;
B
3 'polypeptide(L)'
;QVQLVETGGGLVQPGGSLRLSCAASGFTLDDYAIGWFRQAPGKEREGVSCISRSGGSTTYTDSVKGRFTISRDNAENTVY
LQMNSLKPEDTAVYYCAAARTRGTCWLNRIGMDYWGKGTQVTVSS
;
K
#
# COMPACT_ATOMS: atom_id res chain seq x y z
N MET A 5 -0.30 5.90 23.20
CA MET A 5 -1.58 6.49 22.82
C MET A 5 -2.70 5.61 23.36
N GLN A 6 -2.86 5.64 24.67
CA GLN A 6 -3.86 4.88 25.39
C GLN A 6 -5.01 5.78 25.81
N PRO A 7 -6.22 5.22 25.96
CA PRO A 7 -7.36 6.06 26.36
C PRO A 7 -7.14 6.68 27.72
N PHE A 8 -7.90 7.73 28.00
CA PHE A 8 -7.81 8.44 29.26
C PHE A 8 -9.16 9.09 29.55
N ASP A 9 -9.51 9.14 30.84
CA ASP A 9 -10.77 9.75 31.24
C ASP A 9 -10.68 11.26 31.09
N SER A 10 -11.75 11.86 30.55
CA SER A 10 -11.77 13.30 30.36
C SER A 10 -11.87 14.05 31.69
N GLY A 11 -12.65 13.51 32.62
CA GLY A 11 -12.97 14.21 33.85
C GLY A 11 -14.35 14.81 33.90
N HIS A 12 -15.20 14.51 32.93
CA HIS A 12 -16.56 15.03 32.90
C HIS A 12 -17.51 14.03 33.56
N ASP A 13 -18.46 14.56 34.34
CA ASP A 13 -19.48 13.71 34.93
C ASP A 13 -20.66 13.50 33.97
N ASP A 14 -20.89 14.44 33.06
CA ASP A 14 -21.97 14.37 32.10
C ASP A 14 -21.41 14.16 30.69
N LEU A 15 -22.32 14.17 29.71
CA LEU A 15 -21.96 13.80 28.34
C LEU A 15 -21.04 14.84 27.69
N VAL A 16 -19.94 14.36 27.11
CA VAL A 16 -19.06 15.20 26.32
C VAL A 16 -19.67 15.39 24.94
N HIS A 17 -19.73 16.64 24.47
CA HIS A 17 -20.40 16.93 23.21
C HIS A 17 -19.45 17.13 22.04
N ASP A 18 -18.42 17.95 22.19
CA ASP A 18 -17.53 18.27 21.09
C ASP A 18 -16.10 18.32 21.59
N VAL A 19 -15.18 17.89 20.72
CA VAL A 19 -13.75 17.94 20.98
C VAL A 19 -13.08 18.56 19.76
N VAL A 20 -12.29 19.60 19.97
CA VAL A 20 -11.69 20.36 18.88
C VAL A 20 -10.20 20.55 19.14
N TYR A 21 -9.40 20.30 18.11
CA TYR A 21 -7.97 20.55 18.16
C TYR A 21 -7.66 22.02 17.91
N ASP A 22 -6.53 22.47 18.46
CA ASP A 22 -6.06 23.82 18.18
C ASP A 22 -5.43 23.85 16.79
N PHE A 23 -4.83 25.00 16.45
CA PHE A 23 -4.26 25.17 15.11
C PHE A 23 -3.06 24.27 14.86
N TYR A 24 -2.30 23.96 15.92
CA TYR A 24 -1.08 23.17 15.77
C TYR A 24 -1.27 21.69 16.10
N GLY A 25 -2.42 21.31 16.65
CA GLY A 25 -2.68 19.92 16.97
C GLY A 25 -2.03 19.42 18.24
N ARG A 26 -1.33 20.27 18.98
CA ARG A 26 -0.72 19.88 20.25
C ARG A 26 -1.61 20.20 21.45
N HIS A 27 -2.76 20.84 21.25
CA HIS A 27 -3.70 21.09 22.33
C HIS A 27 -5.10 20.65 21.90
N VAL A 28 -5.95 20.38 22.90
CA VAL A 28 -7.28 19.84 22.66
C VAL A 28 -8.27 20.53 23.59
N ALA A 29 -9.40 20.98 23.05
CA ALA A 29 -10.48 21.58 23.82
C ALA A 29 -11.67 20.64 23.88
N THR A 30 -12.41 20.72 24.98
CA THR A 30 -13.49 19.78 25.28
C THR A 30 -14.58 20.51 26.03
N CYS A 31 -15.83 20.11 25.79
CA CYS A 31 -16.98 20.68 26.49
C CYS A 31 -18.00 19.59 26.75
N SER A 32 -18.66 19.66 27.90
CA SER A 32 -19.59 18.62 28.30
C SER A 32 -20.85 19.22 28.91
N SER A 33 -21.86 18.37 29.09
CA SER A 33 -23.15 18.81 29.62
C SER A 33 -23.10 19.17 31.09
N ASP A 34 -22.05 18.77 31.81
CA ASP A 34 -21.96 19.14 33.22
C ASP A 34 -21.39 20.54 33.25
N GLN A 35 -21.78 21.30 32.23
CA GLN A 35 -21.47 22.71 31.99
C GLN A 35 -19.99 22.93 31.77
N HIS A 36 -19.16 21.87 31.74
CA HIS A 36 -17.70 21.98 31.89
C HIS A 36 -16.94 22.24 30.59
N ILE A 37 -15.90 23.07 30.71
CA ILE A 37 -14.89 23.28 29.66
C ILE A 37 -13.52 22.82 30.16
N LYS A 38 -12.84 22.03 29.31
CA LYS A 38 -11.54 21.42 29.55
C LYS A 38 -10.59 21.72 28.40
N VAL A 39 -9.29 21.83 28.73
CA VAL A 39 -8.22 22.07 27.77
C VAL A 39 -7.02 21.23 28.18
N PHE A 40 -6.56 20.38 27.28
CA PHE A 40 -5.44 19.46 27.47
C PHE A 40 -4.28 19.83 26.56
N LYS A 41 -3.07 19.56 27.04
CA LYS A 41 -1.83 19.82 26.31
C LYS A 41 -1.07 18.52 26.10
N LEU A 42 -0.55 18.32 24.89
CA LEU A 42 0.26 17.14 24.58
C LEU A 42 1.72 17.55 24.69
N ASP A 43 2.43 16.97 25.66
CA ASP A 43 3.83 17.28 25.87
C ASP A 43 4.68 16.86 24.67
N LYS A 44 5.68 17.68 24.34
CA LYS A 44 6.56 17.37 23.22
C LYS A 44 7.40 16.10 23.46
N ASP A 45 7.90 15.94 24.68
CA ASP A 45 8.75 14.82 25.04
C ASP A 45 8.12 13.42 24.99
N THR A 46 6.89 13.29 25.48
CA THR A 46 6.21 12.00 25.49
C THR A 46 4.77 12.09 25.00
N SER A 47 4.29 11.03 24.36
CA SER A 47 2.93 11.02 23.83
C SER A 47 1.92 10.66 24.91
N ASN A 48 1.66 11.62 25.80
CA ASN A 48 0.71 11.44 26.89
C ASN A 48 -0.10 12.70 27.15
N TRP A 49 -1.28 12.76 26.56
CA TRP A 49 -2.19 13.90 26.72
C TRP A 49 -2.42 14.16 28.20
N GLU A 50 -2.22 15.41 28.62
CA GLU A 50 -2.34 15.77 30.03
C GLU A 50 -3.18 17.04 30.16
N LEU A 51 -3.92 17.13 31.27
CA LEU A 51 -4.83 18.23 31.47
C LEU A 51 -4.08 19.52 31.76
N SER A 52 -4.49 20.58 31.08
CA SER A 52 -3.97 21.93 31.32
C SER A 52 -4.90 22.75 32.22
N ASP A 53 -6.16 22.96 31.80
CA ASP A 53 -7.09 23.68 32.67
C ASP A 53 -8.54 23.35 32.30
N SER A 54 -9.35 23.04 33.30
CA SER A 54 -10.74 22.66 33.06
C SER A 54 -11.68 22.88 34.24
N TRP A 55 -12.13 24.12 34.39
CA TRP A 55 -13.08 24.50 35.43
C TRP A 55 -14.00 25.44 34.70
N ARG A 56 -15.06 24.89 34.10
CA ARG A 56 -15.95 25.71 33.30
C ARG A 56 -16.60 26.95 33.93
N ALA A 57 -17.10 27.82 33.06
CA ALA A 57 -17.97 28.91 33.45
C ALA A 57 -19.24 28.94 32.59
N HIS A 58 -20.20 28.07 32.91
CA HIS A 58 -21.48 28.04 32.21
C HIS A 58 -22.56 27.52 33.15
N ASP A 59 -23.80 27.53 32.66
CA ASP A 59 -24.99 27.22 33.45
C ASP A 59 -25.85 26.14 32.84
N SER A 60 -25.85 26.00 31.51
CA SER A 60 -26.54 24.94 30.80
C SER A 60 -25.50 24.08 30.08
N SER A 61 -25.98 23.03 29.42
CA SER A 61 -25.11 22.12 28.69
C SER A 61 -24.42 22.83 27.54
N ILE A 62 -23.08 22.70 27.48
CA ILE A 62 -22.30 23.23 26.38
C ILE A 62 -22.26 22.21 25.26
N VAL A 63 -22.37 22.68 24.02
CA VAL A 63 -22.50 21.81 22.86
C VAL A 63 -21.33 22.00 21.90
N ALA A 64 -20.95 23.25 21.62
CA ALA A 64 -19.96 23.54 20.60
C ALA A 64 -18.77 24.29 21.17
N ILE A 65 -17.70 24.29 20.42
CA ILE A 65 -16.45 24.95 20.81
C ILE A 65 -15.54 25.01 19.60
N ASP A 66 -14.61 25.96 19.62
CA ASP A 66 -13.69 26.12 18.50
C ASP A 66 -12.53 27.00 18.94
N TRP A 67 -11.42 26.88 18.23
CA TRP A 67 -10.22 27.69 18.45
C TRP A 67 -10.14 28.82 17.42
N ALA A 68 -9.65 29.96 17.86
CA ALA A 68 -9.33 31.05 16.94
C ALA A 68 -7.92 30.87 16.40
N SER A 69 -7.61 31.61 15.34
CA SER A 69 -6.29 31.52 14.74
C SER A 69 -5.23 32.08 15.69
N PRO A 70 -4.04 31.48 15.75
CA PRO A 70 -3.04 31.96 16.72
C PRO A 70 -2.55 33.37 16.46
N GLU A 71 -2.75 33.90 15.25
CA GLU A 71 -2.43 35.29 14.99
C GLU A 71 -3.30 36.25 15.79
N TYR A 72 -4.33 35.75 16.47
CA TYR A 72 -5.13 36.54 17.39
C TYR A 72 -4.88 36.18 18.84
N GLY A 73 -3.96 35.26 19.12
CA GLY A 73 -3.71 34.78 20.46
C GLY A 73 -4.42 33.46 20.73
N ARG A 74 -4.36 33.03 21.99
CA ARG A 74 -5.04 31.82 22.44
C ARG A 74 -6.48 32.18 22.79
N ILE A 75 -7.41 31.85 21.90
CA ILE A 75 -8.81 32.25 22.02
C ILE A 75 -9.69 31.02 21.79
N ILE A 76 -10.69 30.85 22.66
CA ILE A 76 -11.63 29.74 22.58
C ILE A 76 -13.05 30.30 22.71
N ALA A 77 -13.94 29.90 21.81
CA ALA A 77 -15.35 30.25 21.89
C ALA A 77 -16.15 29.04 22.36
N SER A 78 -17.24 29.31 23.08
CA SER A 78 -18.07 28.25 23.61
C SER A 78 -19.54 28.63 23.50
N ALA A 79 -20.36 27.68 23.04
CA ALA A 79 -21.80 27.84 22.93
C ALA A 79 -22.50 26.76 23.74
N SER A 80 -23.52 27.17 24.50
CA SER A 80 -24.24 26.28 25.39
C SER A 80 -25.74 26.44 25.18
N TYR A 81 -26.51 25.54 25.80
CA TYR A 81 -27.96 25.63 25.77
C TYR A 81 -28.50 26.81 26.58
N ASP A 82 -27.63 27.60 27.21
CA ASP A 82 -28.04 28.78 27.97
C ASP A 82 -28.21 30.01 27.09
N LYS A 83 -28.33 29.83 25.79
CA LYS A 83 -28.60 30.91 24.84
C LYS A 83 -27.50 31.97 24.84
N THR A 84 -26.26 31.57 25.10
CA THR A 84 -25.14 32.51 25.15
C THR A 84 -23.93 31.91 24.46
N VAL A 85 -23.01 32.78 24.06
CA VAL A 85 -21.70 32.39 23.51
C VAL A 85 -20.62 33.15 24.28
N LYS A 86 -19.74 32.43 24.94
CA LYS A 86 -18.70 33.04 25.76
C LYS A 86 -17.33 32.88 25.10
N LEU A 87 -16.52 33.93 25.19
CA LEU A 87 -15.18 33.95 24.62
C LEU A 87 -14.14 33.95 25.74
N TRP A 88 -13.03 33.24 25.51
CA TRP A 88 -12.03 33.05 26.55
C TRP A 88 -10.63 33.21 25.96
N GLU A 89 -9.79 33.98 26.65
CA GLU A 89 -8.38 34.12 26.31
C GLU A 89 -7.54 33.52 27.43
N GLU A 90 -6.59 32.67 27.06
CA GLU A 90 -5.74 32.02 28.05
C GLU A 90 -4.78 33.02 28.67
N ASP A 91 -4.75 33.05 30.00
CA ASP A 91 -3.80 33.89 30.73
C ASP A 91 -2.58 33.04 31.08
N PRO A 92 -1.46 33.19 30.38
CA PRO A 92 -0.30 32.34 30.66
C PRO A 92 0.35 32.60 32.01
N ASP A 93 -0.01 33.70 32.69
CA ASP A 93 0.55 34.02 33.99
C ASP A 93 -0.15 33.29 35.13
N GLN A 94 -0.90 32.24 34.83
CA GLN A 94 -1.58 31.42 35.84
C GLN A 94 -1.08 29.99 35.76
N GLU A 95 -1.00 29.34 36.93
CA GLU A 95 -0.67 27.93 36.96
C GLU A 95 -1.73 27.12 36.23
N GLU A 96 -1.31 26.01 35.63
CA GLU A 96 -2.25 25.12 34.97
C GLU A 96 -3.08 24.37 36.01
N CYS A 97 -4.32 24.06 35.65
CA CYS A 97 -5.28 23.39 36.54
C CYS A 97 -5.52 24.22 37.81
N SER A 98 -6.10 25.41 37.60
CA SER A 98 -6.39 26.34 38.68
C SER A 98 -7.73 27.05 38.54
N GLY A 99 -8.44 26.88 37.43
CA GLY A 99 -9.68 27.60 37.21
C GLY A 99 -9.41 29.06 36.92
N ARG A 100 -8.13 29.42 36.84
CA ARG A 100 -7.68 30.79 36.66
C ARG A 100 -7.03 31.04 35.31
N ARG A 101 -6.78 29.99 34.52
CA ARG A 101 -5.95 30.12 33.32
C ARG A 101 -6.67 30.84 32.18
N TRP A 102 -8.00 30.75 32.12
CA TRP A 102 -8.77 31.35 31.03
C TRP A 102 -9.70 32.41 31.60
N ASN A 103 -9.74 33.57 30.94
CA ASN A 103 -10.59 34.67 31.36
C ASN A 103 -11.69 34.92 30.33
N LYS A 104 -12.90 35.17 30.81
CA LYS A 104 -14.00 35.51 29.91
C LYS A 104 -13.74 36.85 29.25
N LEU A 105 -13.62 36.85 27.93
CA LEU A 105 -13.45 38.09 27.18
C LEU A 105 -14.79 38.78 26.94
N CYS A 106 -15.80 38.03 26.52
CA CYS A 106 -17.11 38.62 26.25
C CYS A 106 -18.16 37.53 26.30
N THR A 107 -19.41 37.97 26.44
CA THR A 107 -20.57 37.08 26.47
C THR A 107 -21.64 37.64 25.54
N LEU A 108 -21.93 36.91 24.46
CA LEU A 108 -22.95 37.29 23.51
C LEU A 108 -24.26 36.61 23.90
N ASN A 109 -25.28 37.41 24.20
CA ASN A 109 -26.57 36.91 24.66
C ASN A 109 -27.70 37.29 23.71
N ASP A 110 -27.38 37.62 22.46
CA ASP A 110 -28.41 38.08 21.53
C ASP A 110 -29.34 36.96 21.09
N SER A 111 -28.90 35.70 21.17
CA SER A 111 -29.74 34.58 20.76
C SER A 111 -30.83 34.34 21.80
N LYS A 112 -32.06 34.25 21.32
CA LYS A 112 -33.21 33.99 22.18
C LYS A 112 -33.54 32.51 22.33
N GLY A 113 -32.73 31.63 21.71
CA GLY A 113 -32.91 30.20 21.87
C GLY A 113 -31.57 29.52 22.12
N SER A 114 -31.64 28.27 22.56
CA SER A 114 -30.43 27.52 22.85
C SER A 114 -29.62 27.31 21.58
N LEU A 115 -28.30 27.40 21.72
CA LEU A 115 -27.38 27.36 20.60
C LEU A 115 -26.78 25.96 20.45
N TYR A 116 -26.36 25.65 19.22
CA TYR A 116 -25.90 24.31 18.92
C TYR A 116 -24.50 24.31 18.31
N SER A 117 -24.13 25.38 17.60
CA SER A 117 -22.87 25.34 16.88
C SER A 117 -22.24 26.72 16.78
N VAL A 118 -20.91 26.75 16.80
CA VAL A 118 -20.13 27.96 16.61
C VAL A 118 -18.77 27.54 16.05
N LYS A 119 -18.32 28.27 15.04
CA LYS A 119 -17.02 28.00 14.43
C LYS A 119 -16.37 29.32 14.03
N PHE A 120 -15.08 29.44 14.32
CA PHE A 120 -14.34 30.64 13.95
C PHE A 120 -14.16 30.72 12.45
N ALA A 121 -14.25 31.94 11.92
CA ALA A 121 -13.99 32.17 10.50
C ALA A 121 -12.49 32.00 10.22
N PRO A 122 -12.12 31.78 8.96
CA PRO A 122 -10.70 31.70 8.62
C PRO A 122 -9.93 32.93 9.03
N ALA A 123 -8.61 32.77 9.17
CA ALA A 123 -7.76 33.82 9.69
C ALA A 123 -7.71 35.04 8.78
N HIS A 124 -7.99 34.87 7.49
CA HIS A 124 -7.87 35.95 6.52
C HIS A 124 -9.10 36.86 6.49
N LEU A 125 -9.94 36.82 7.52
CA LEU A 125 -11.13 37.66 7.59
C LEU A 125 -11.28 38.40 8.92
N GLY A 126 -10.23 38.44 9.74
CA GLY A 126 -10.32 39.04 11.06
C GLY A 126 -10.94 38.08 12.06
N LEU A 127 -10.98 38.54 13.32
CA LEU A 127 -11.64 37.78 14.37
C LEU A 127 -13.14 37.77 14.09
N LYS A 128 -13.60 36.71 13.44
CA LYS A 128 -15.00 36.60 13.03
C LYS A 128 -15.51 35.22 13.41
N LEU A 129 -16.75 35.15 13.88
CA LEU A 129 -17.33 33.88 14.27
C LEU A 129 -18.81 33.86 13.90
N ALA A 130 -19.36 32.64 13.81
CA ALA A 130 -20.76 32.42 13.48
C ALA A 130 -21.39 31.53 14.53
N CYS A 131 -22.66 31.78 14.83
CA CYS A 131 -23.39 30.97 15.79
C CYS A 131 -24.81 30.75 15.31
N LEU A 132 -25.36 29.59 15.67
CA LEU A 132 -26.71 29.20 15.30
C LEU A 132 -27.35 28.43 16.45
N GLY A 133 -28.67 28.59 16.59
CA GLY A 133 -29.39 28.00 17.70
C GLY A 133 -30.84 27.69 17.36
N ASN A 134 -31.67 27.56 18.40
CA ASN A 134 -33.08 27.23 18.22
C ASN A 134 -33.85 28.36 17.54
N ASP A 135 -33.39 29.61 17.72
CA ASP A 135 -34.05 30.75 17.09
C ASP A 135 -34.04 30.68 15.57
N GLY A 136 -33.26 29.79 14.98
CA GLY A 136 -33.17 29.69 13.54
C GLY A 136 -32.55 30.89 12.87
N ILE A 137 -31.76 31.68 13.60
CA ILE A 137 -31.15 32.90 13.09
C ILE A 137 -29.65 32.75 13.27
N LEU A 138 -28.92 32.66 12.16
CA LEU A 138 -27.46 32.65 12.20
C LEU A 138 -26.94 34.05 12.46
N ARG A 139 -25.94 34.15 13.33
CA ARG A 139 -25.37 35.43 13.73
C ARG A 139 -23.87 35.42 13.50
N LEU A 140 -23.38 36.42 12.77
CA LEU A 140 -21.96 36.65 12.58
C LEU A 140 -21.53 37.80 13.47
N TYR A 141 -20.51 37.56 14.29
CA TYR A 141 -19.89 38.58 15.14
C TYR A 141 -18.44 38.79 14.72
N ASP A 142 -17.94 40.00 14.98
CA ASP A 142 -16.57 40.36 14.63
C ASP A 142 -15.96 41.20 15.75
N ALA A 143 -14.64 41.04 15.93
CA ALA A 143 -13.86 41.90 16.80
C ALA A 143 -13.19 42.94 15.91
N LEU A 144 -13.84 44.10 15.80
CA LEU A 144 -13.41 45.11 14.83
C LEU A 144 -12.00 45.59 15.11
N GLU A 145 -11.65 45.78 16.37
CA GLU A 145 -10.28 46.11 16.74
C GLU A 145 -9.60 44.86 17.26
N PRO A 146 -8.61 44.30 16.55
CA PRO A 146 -7.87 43.15 17.09
C PRO A 146 -7.08 43.47 18.35
N SER A 147 -7.03 44.74 18.77
CA SER A 147 -6.40 45.13 20.03
C SER A 147 -7.33 45.01 21.21
N ASP A 148 -8.64 45.16 21.00
CA ASP A 148 -9.65 45.03 22.05
C ASP A 148 -10.41 43.74 21.81
N LEU A 149 -10.04 42.68 22.53
CA LEU A 149 -10.70 41.38 22.40
C LEU A 149 -12.05 41.33 23.10
N ARG A 150 -12.60 42.49 23.49
CA ARG A 150 -13.93 42.57 24.05
C ARG A 150 -14.90 43.36 23.18
N SER A 151 -14.40 44.14 22.22
CA SER A 151 -15.23 44.89 21.29
C SER A 151 -15.74 43.93 20.20
N TRP A 152 -16.66 43.06 20.62
CA TRP A 152 -17.27 42.07 19.74
C TRP A 152 -18.64 42.57 19.31
N THR A 153 -18.70 43.21 18.14
CA THR A 153 -19.94 43.70 17.58
C THR A 153 -20.60 42.62 16.73
N LEU A 154 -21.92 42.72 16.58
CA LEU A 154 -22.68 41.80 15.75
C LEU A 154 -22.60 42.24 14.30
N THR A 155 -22.05 41.39 13.45
CA THR A 155 -21.88 41.76 12.04
C THR A 155 -23.18 41.53 11.26
N SER A 156 -23.76 40.34 11.39
CA SER A 156 -24.89 40.00 10.52
C SER A 156 -25.85 39.05 11.21
N GLU A 157 -27.12 39.11 10.81
CA GLU A 157 -28.16 38.19 11.26
C GLU A 157 -28.95 37.71 10.05
N MET A 158 -29.13 36.39 9.95
CA MET A 158 -29.82 35.81 8.81
C MET A 158 -30.83 34.78 9.31
N LYS A 159 -32.09 34.94 8.90
CA LYS A 159 -33.17 34.01 9.25
C LYS A 159 -33.10 32.83 8.30
N VAL A 160 -32.41 31.77 8.73
CA VAL A 160 -32.27 30.57 7.89
C VAL A 160 -33.60 29.82 7.82
N LEU A 161 -34.22 29.58 8.98
CA LEU A 161 -35.51 28.90 9.07
C LEU A 161 -36.54 29.86 9.65
N SER A 162 -37.67 30.01 8.94
CA SER A 162 -38.68 30.96 9.35
C SER A 162 -39.60 30.40 10.44
N ILE A 163 -39.85 29.10 10.43
CA ILE A 163 -40.77 28.48 11.38
C ILE A 163 -40.02 27.44 12.20
N PRO A 164 -39.39 27.82 13.31
CA PRO A 164 -38.78 26.83 14.19
C PRO A 164 -39.84 26.24 15.11
N PRO A 165 -40.19 24.97 14.93
CA PRO A 165 -41.25 24.37 15.76
C PRO A 165 -40.74 24.07 17.16
N ALA A 166 -41.47 24.56 18.17
CA ALA A 166 -41.01 24.47 19.54
C ALA A 166 -41.22 23.08 20.12
N ASN A 167 -42.36 22.45 19.83
CA ASN A 167 -42.71 21.15 20.41
C ASN A 167 -42.07 20.00 19.62
N HIS A 168 -40.76 20.06 19.51
CA HIS A 168 -39.98 19.01 18.86
C HIS A 168 -38.61 18.95 19.47
N LEU A 169 -38.27 17.82 20.08
CA LEU A 169 -36.91 17.59 20.58
C LEU A 169 -35.96 17.10 19.50
N GLN A 170 -36.44 16.96 18.25
CA GLN A 170 -35.61 16.48 17.14
C GLN A 170 -35.07 17.71 16.40
N SER A 171 -34.00 18.27 16.95
CA SER A 171 -33.37 19.46 16.39
C SER A 171 -31.87 19.25 16.29
N ASP A 172 -31.25 19.84 15.28
CA ASP A 172 -29.80 19.73 15.13
C ASP A 172 -29.29 20.85 14.23
N PHE A 173 -28.17 21.44 14.62
CA PHE A 173 -27.54 22.48 13.81
C PHE A 173 -26.03 22.41 13.95
N CYS A 174 -25.35 22.70 12.83
CA CYS A 174 -23.90 22.92 12.84
C CYS A 174 -23.55 23.95 11.79
N LEU A 175 -22.33 24.45 11.85
CA LEU A 175 -21.85 25.48 10.94
C LEU A 175 -20.44 25.14 10.49
N SER A 176 -20.11 25.46 9.24
CA SER A 176 -18.74 25.22 8.78
C SER A 176 -18.33 26.32 7.80
N TRP A 177 -17.35 27.14 8.17
CA TRP A 177 -16.79 28.12 7.26
C TRP A 177 -16.05 27.44 6.12
N CYS A 178 -15.85 28.17 5.02
CA CYS A 178 -15.00 27.65 3.96
C CYS A 178 -13.56 27.98 4.30
N PRO A 179 -12.71 26.97 4.54
CA PRO A 179 -11.33 27.24 4.95
C PRO A 179 -10.46 27.80 3.83
N SER A 180 -10.94 27.79 2.59
CA SER A 180 -10.13 28.28 1.48
C SER A 180 -9.79 29.76 1.67
N ARG A 181 -8.51 30.09 1.52
CA ARG A 181 -8.06 31.46 1.69
C ARG A 181 -8.33 32.30 0.43
N PHE A 182 -8.23 31.69 -0.74
CA PHE A 182 -8.39 32.41 -2.00
C PHE A 182 -9.75 32.13 -2.64
N SER A 183 -10.81 32.17 -1.84
CA SER A 183 -12.17 31.95 -2.28
C SER A 183 -13.05 33.01 -1.64
N PRO A 184 -14.14 33.40 -2.31
CA PRO A 184 -15.06 34.37 -1.70
C PRO A 184 -15.57 33.88 -0.35
N GLU A 185 -15.77 34.82 0.57
CA GLU A 185 -16.25 34.48 1.91
C GLU A 185 -17.57 33.74 1.81
N LYS A 186 -17.63 32.57 2.44
CA LYS A 186 -18.84 31.76 2.43
C LYS A 186 -18.85 30.77 3.60
N LEU A 187 -20.05 30.36 4.01
CA LEU A 187 -20.19 29.42 5.12
C LEU A 187 -21.42 28.53 4.95
N ALA A 188 -21.25 27.24 5.24
CA ALA A 188 -22.33 26.29 5.14
C ALA A 188 -23.12 26.21 6.44
N VAL A 189 -24.41 25.89 6.35
CA VAL A 189 -25.26 25.81 7.53
C VAL A 189 -25.92 24.45 7.54
N SER A 190 -25.94 23.80 8.70
CA SER A 190 -26.57 22.50 8.84
C SER A 190 -27.74 22.68 9.79
N ALA A 191 -28.93 22.79 9.21
CA ALA A 191 -30.16 22.92 9.96
C ALA A 191 -31.15 21.87 9.45
N LEU A 192 -31.51 20.93 10.32
CA LEU A 192 -32.64 20.02 10.08
C LEU A 192 -32.35 19.19 8.83
N GLU A 193 -33.34 18.97 7.96
CA GLU A 193 -33.12 18.23 6.72
C GLU A 193 -32.49 19.09 5.64
N GLN A 194 -32.33 20.39 5.86
CA GLN A 194 -31.83 21.30 4.84
C GLN A 194 -30.36 21.62 5.09
N ALA A 195 -29.67 21.97 4.01
CA ALA A 195 -28.26 22.36 4.09
C ALA A 195 -28.03 23.40 3.00
N ILE A 196 -27.81 24.66 3.41
CA ILE A 196 -27.67 25.76 2.47
C ILE A 196 -26.36 26.49 2.71
N ILE A 197 -25.88 27.13 1.65
CA ILE A 197 -24.58 27.80 1.63
C ILE A 197 -24.80 29.29 1.51
N TYR A 198 -24.19 30.05 2.40
CA TYR A 198 -24.25 31.51 2.37
C TYR A 198 -22.93 32.05 1.85
N GLN A 199 -23.01 33.03 0.95
CA GLN A 199 -21.85 33.66 0.35
C GLN A 199 -21.94 35.17 0.51
N ARG A 200 -20.79 35.79 0.76
CA ARG A 200 -20.73 37.23 0.95
C ARG A 200 -20.89 37.95 -0.38
N GLY A 201 -21.91 38.79 -0.49
CA GLY A 201 -22.16 39.54 -1.70
C GLY A 201 -21.32 40.82 -1.76
N LYS A 202 -21.50 41.56 -2.87
CA LYS A 202 -20.79 42.82 -3.04
C LYS A 202 -21.27 43.87 -2.05
N ASP A 203 -22.51 43.75 -1.57
CA ASP A 203 -23.09 44.69 -0.63
C ASP A 203 -22.68 44.42 0.82
N GLY A 204 -21.71 43.53 1.05
CA GLY A 204 -21.31 43.19 2.40
C GLY A 204 -22.32 42.37 3.18
N LYS A 205 -23.35 41.86 2.52
CA LYS A 205 -24.37 41.04 3.16
C LYS A 205 -24.29 39.61 2.67
N LEU A 206 -24.92 38.70 3.40
CA LEU A 206 -24.97 37.30 3.05
C LEU A 206 -26.18 37.02 2.16
N HIS A 207 -26.07 35.97 1.34
CA HIS A 207 -27.14 35.58 0.44
C HIS A 207 -27.10 34.08 0.26
N VAL A 208 -28.28 33.48 0.12
CA VAL A 208 -28.39 32.03 -0.11
C VAL A 208 -27.86 31.75 -1.51
N ALA A 209 -26.72 31.05 -1.58
CA ALA A 209 -26.06 30.80 -2.86
C ALA A 209 -26.35 29.42 -3.43
N ALA A 210 -26.49 28.40 -2.58
CA ALA A 210 -26.70 27.05 -3.06
C ALA A 210 -27.29 26.20 -1.95
N LYS A 211 -27.77 25.01 -2.32
CA LYS A 211 -28.30 24.04 -1.38
C LYS A 211 -27.70 22.67 -1.66
N LEU A 212 -27.89 21.76 -0.71
CA LEU A 212 -27.44 20.37 -0.83
C LEU A 212 -28.66 19.47 -0.77
N PRO A 213 -29.34 19.26 -1.90
CA PRO A 213 -30.51 18.37 -1.90
C PRO A 213 -30.09 16.91 -1.73
N GLY A 214 -31.09 16.09 -1.42
CA GLY A 214 -30.89 14.67 -1.22
C GLY A 214 -30.97 14.23 0.23
N HIS A 215 -30.73 15.12 1.18
CA HIS A 215 -30.84 14.77 2.59
C HIS A 215 -32.29 14.51 2.93
N LYS A 216 -32.59 13.30 3.41
CA LYS A 216 -33.95 12.90 3.73
C LYS A 216 -34.17 12.75 5.23
N SER A 217 -33.28 13.28 6.06
CA SER A 217 -33.42 13.19 7.50
C SER A 217 -32.55 14.27 8.14
N LEU A 218 -32.29 14.13 9.44
CA LEU A 218 -31.52 15.13 10.17
C LEU A 218 -30.04 15.05 9.79
N ILE A 219 -29.40 16.21 9.70
CA ILE A 219 -27.99 16.31 9.37
C ILE A 219 -27.23 16.47 10.69
N ARG A 220 -26.42 15.47 11.05
CA ARG A 220 -25.77 15.48 12.35
C ARG A 220 -24.51 16.34 12.38
N SER A 221 -23.78 16.41 11.26
CA SER A 221 -22.55 17.18 11.21
C SER A 221 -22.16 17.42 9.76
N ILE A 222 -21.55 18.58 9.51
CA ILE A 222 -20.99 18.94 8.21
C ILE A 222 -19.61 19.54 8.43
N SER A 223 -18.79 19.52 7.39
CA SER A 223 -17.43 20.02 7.49
C SER A 223 -16.81 20.52 6.21
N TRP A 224 -16.70 21.81 6.02
CA TRP A 224 -16.16 22.24 4.74
C TRP A 224 -14.69 21.93 4.78
N ALA A 225 -14.31 20.98 3.97
CA ALA A 225 -12.98 20.50 3.74
C ALA A 225 -12.32 21.48 2.82
N PRO A 226 -11.21 22.05 3.29
CA PRO A 226 -10.46 23.05 2.54
C PRO A 226 -9.52 22.39 1.57
N SER A 227 -9.97 22.16 0.33
CA SER A 227 -9.11 21.55 -0.65
C SER A 227 -7.96 22.51 -0.84
N ILE A 228 -6.74 21.99 -0.81
CA ILE A 228 -5.55 22.82 -0.96
C ILE A 228 -4.96 22.59 -2.34
N GLY A 229 -5.28 23.45 -3.30
CA GLY A 229 -4.71 23.24 -4.59
C GLY A 229 -5.72 22.67 -5.53
N ARG A 230 -6.91 23.18 -5.53
CA ARG A 230 -7.94 22.68 -6.37
C ARG A 230 -8.85 23.80 -6.69
N TRP A 231 -9.58 23.69 -7.75
CA TRP A 231 -10.41 24.80 -8.13
C TRP A 231 -11.80 24.64 -7.64
N TYR A 232 -12.14 23.48 -7.16
CA TYR A 232 -13.47 23.23 -6.65
C TYR A 232 -13.45 23.15 -5.14
N GLN A 233 -14.64 23.10 -4.55
CA GLN A 233 -14.80 22.98 -3.11
C GLN A 233 -15.49 21.65 -2.80
N LEU A 234 -15.15 21.06 -1.67
CA LEU A 234 -15.74 19.81 -1.23
C LEU A 234 -16.34 20.00 0.15
N ILE A 235 -17.58 19.54 0.33
CA ILE A 235 -18.21 19.58 1.64
C ILE A 235 -18.90 18.24 1.89
N ALA A 236 -18.65 17.65 3.06
CA ALA A 236 -19.22 16.36 3.41
C ALA A 236 -20.22 16.54 4.53
N THR A 237 -21.35 15.85 4.42
CA THR A 237 -22.41 15.90 5.40
C THR A 237 -22.70 14.49 5.90
N GLY A 238 -22.69 14.34 7.23
CA GLY A 238 -23.20 13.13 7.83
C GLY A 238 -24.70 13.25 8.06
N CYS A 239 -25.47 12.40 7.41
CA CYS A 239 -26.93 12.46 7.52
C CYS A 239 -27.44 11.31 8.37
N LYS A 240 -28.63 11.53 8.94
CA LYS A 240 -29.26 10.56 9.84
C LYS A 240 -29.78 9.35 9.10
N ASP A 241 -30.13 9.49 7.82
CA ASP A 241 -30.55 8.37 7.01
C ASP A 241 -29.47 7.31 6.85
N GLY A 242 -28.23 7.62 7.20
CA GLY A 242 -27.15 6.66 7.14
C GLY A 242 -26.32 6.76 5.88
N ARG A 243 -26.10 7.99 5.40
CA ARG A 243 -25.37 8.21 4.15
C ARG A 243 -24.46 9.41 4.32
N ILE A 244 -23.15 9.17 4.39
CA ILE A 244 -22.18 10.22 4.18
C ILE A 244 -22.33 10.75 2.77
N ARG A 245 -22.50 12.06 2.63
CA ARG A 245 -22.74 12.68 1.33
C ARG A 245 -21.65 13.72 1.08
N ILE A 246 -20.80 13.46 0.09
CA ILE A 246 -19.75 14.37 -0.30
C ILE A 246 -20.21 15.12 -1.54
N PHE A 247 -20.32 16.44 -1.41
CA PHE A 247 -20.77 17.33 -2.47
C PHE A 247 -19.60 18.16 -3.00
N LYS A 248 -19.59 18.36 -4.32
CA LYS A 248 -18.60 19.16 -5.02
C LYS A 248 -19.24 20.48 -5.47
N ILE A 249 -18.48 21.56 -5.39
CA ILE A 249 -18.97 22.90 -5.67
C ILE A 249 -18.02 23.58 -6.65
N THR A 250 -18.58 24.15 -7.71
CA THR A 250 -17.79 24.84 -8.73
C THR A 250 -18.66 25.72 -9.61
N GLU A 251 -18.60 27.03 -9.38
CA GLU A 251 -19.40 27.98 -10.15
C GLU A 251 -18.99 27.96 -11.62
N LYS A 252 -19.98 28.05 -12.50
CA LYS A 252 -19.73 28.06 -13.94
C LYS A 252 -20.54 29.14 -14.64
N LEU A 253 -20.09 29.53 -15.83
CA LEU A 253 -20.76 30.55 -16.62
C LEU A 253 -21.10 31.81 -15.82
N SER A 254 -20.06 32.50 -15.36
CA SER A 254 -20.25 33.72 -14.58
C SER A 254 -20.15 34.96 -15.46
N PRO A 255 -21.24 35.71 -15.64
CA PRO A 255 -21.09 36.92 -16.44
C PRO A 255 -20.47 37.95 -15.57
N LEU A 256 -20.85 37.94 -14.31
CA LEU A 256 -20.31 38.88 -13.32
C LEU A 256 -20.56 38.38 -11.90
N SER A 294 -26.96 31.97 -8.15
CA SER A 294 -27.27 30.69 -8.78
C SER A 294 -26.07 30.15 -9.55
N ASN A 295 -25.03 30.96 -9.64
CA ASN A 295 -23.81 30.57 -10.35
C ASN A 295 -23.12 29.36 -9.73
N LEU A 296 -23.07 29.33 -8.40
CA LEU A 296 -22.45 28.23 -7.68
C LEU A 296 -23.01 26.88 -8.12
N GLN A 297 -22.12 25.92 -8.32
CA GLN A 297 -22.51 24.58 -8.74
C GLN A 297 -22.50 23.61 -7.56
N VAL A 298 -23.41 22.62 -7.60
CA VAL A 298 -23.53 21.64 -6.53
C VAL A 298 -23.58 20.26 -7.19
N GLU A 299 -22.45 19.56 -7.18
CA GLU A 299 -22.41 18.16 -7.57
C GLU A 299 -22.51 17.27 -6.34
N LEU A 300 -23.05 16.08 -6.51
CA LEU A 300 -23.07 15.06 -5.48
C LEU A 300 -22.03 14.01 -5.85
N LEU A 301 -20.80 14.20 -5.38
CA LEU A 301 -19.72 13.29 -5.74
C LEU A 301 -19.95 11.90 -5.17
N SER A 302 -20.26 11.82 -3.88
CA SER A 302 -20.28 10.50 -3.24
C SER A 302 -21.45 10.37 -2.27
N GLU A 303 -22.07 9.18 -2.29
CA GLU A 303 -22.98 8.72 -1.25
C GLU A 303 -22.44 7.40 -0.71
N HIS A 304 -22.37 7.28 0.61
CA HIS A 304 -21.83 6.08 1.22
C HIS A 304 -22.67 5.67 2.43
N ASP A 305 -23.17 4.43 2.42
CA ASP A 305 -23.99 3.90 3.49
C ASP A 305 -23.31 2.72 4.19
N ASP A 306 -21.98 2.75 4.23
CA ASP A 306 -21.21 1.66 4.82
C ASP A 306 -21.39 1.56 6.33
N HIS A 307 -21.97 2.58 6.98
CA HIS A 307 -22.18 2.54 8.41
C HIS A 307 -23.49 1.89 8.82
N ASN A 308 -24.50 1.92 7.93
CA ASN A 308 -25.82 1.33 8.20
C ASN A 308 -26.44 1.95 9.46
N GLY A 309 -26.48 3.27 9.48
CA GLY A 309 -27.00 4.00 10.62
C GLY A 309 -26.55 5.44 10.57
N GLU A 310 -27.09 6.22 11.52
CA GLU A 310 -26.85 7.66 11.53
C GLU A 310 -25.36 7.97 11.55
N VAL A 311 -24.94 8.89 10.68
CA VAL A 311 -23.56 9.36 10.62
C VAL A 311 -23.45 10.59 11.51
N TRP A 312 -22.79 10.45 12.66
CA TRP A 312 -22.77 11.53 13.64
C TRP A 312 -21.63 12.52 13.40
N SER A 313 -20.49 12.05 12.92
CA SER A 313 -19.30 12.90 12.83
C SER A 313 -18.72 12.84 11.42
N VAL A 314 -18.30 14.02 10.93
CA VAL A 314 -17.65 14.15 9.64
C VAL A 314 -16.55 15.18 9.78
N SER A 315 -15.29 14.77 9.57
CA SER A 315 -14.17 15.69 9.70
C SER A 315 -13.21 15.48 8.54
N TRP A 316 -12.55 16.57 8.15
CA TRP A 316 -11.59 16.55 7.06
C TRP A 316 -10.16 16.65 7.59
N ASN A 317 -9.22 16.24 6.74
CA ASN A 317 -7.81 16.43 7.00
C ASN A 317 -7.47 17.92 6.99
N LEU A 318 -6.21 18.24 7.33
CA LEU A 318 -5.75 19.61 7.16
C LEU A 318 -5.48 19.94 5.69
N THR A 319 -5.22 18.93 4.87
CA THR A 319 -4.96 19.10 3.45
C THR A 319 -6.14 18.69 2.58
N GLY A 320 -7.30 18.42 3.18
CA GLY A 320 -8.44 17.95 2.42
C GLY A 320 -8.22 16.64 1.72
N THR A 321 -7.20 15.88 2.11
CA THR A 321 -6.88 14.61 1.47
C THR A 321 -7.66 13.45 2.06
N ILE A 322 -7.99 13.50 3.35
CA ILE A 322 -8.63 12.39 4.04
C ILE A 322 -9.92 12.91 4.68
N LEU A 323 -11.01 12.16 4.51
CA LEU A 323 -12.30 12.47 5.12
C LEU A 323 -12.65 11.38 6.11
N SER A 324 -12.95 11.77 7.35
CA SER A 324 -13.30 10.83 8.41
C SER A 324 -14.79 10.84 8.68
N SER A 325 -15.35 9.66 8.98
CA SER A 325 -16.76 9.53 9.30
C SER A 325 -16.96 8.49 10.38
N ALA A 326 -17.99 8.69 11.19
CA ALA A 326 -18.29 7.79 12.30
C ALA A 326 -19.79 7.77 12.52
N GLY A 327 -20.29 6.62 12.95
CA GLY A 327 -21.72 6.39 13.07
C GLY A 327 -22.06 5.42 14.17
N ASP A 328 -23.23 4.79 14.04
CA ASP A 328 -23.77 3.89 15.05
C ASP A 328 -23.06 2.55 15.11
N ASP A 329 -22.44 2.10 14.02
CA ASP A 329 -21.74 0.82 14.01
C ASP A 329 -20.51 0.82 14.90
N GLY A 330 -20.21 1.93 15.59
CA GLY A 330 -19.04 1.98 16.43
C GLY A 330 -17.72 1.92 15.69
N LYS A 331 -17.73 2.22 14.39
CA LYS A 331 -16.54 2.19 13.57
C LYS A 331 -16.31 3.55 12.94
N VAL A 332 -15.04 3.88 12.69
CA VAL A 332 -14.68 5.13 12.02
C VAL A 332 -14.01 4.78 10.69
N ARG A 333 -14.51 5.37 9.61
CA ARG A 333 -14.03 5.08 8.27
C ARG A 333 -13.32 6.30 7.68
N LEU A 334 -12.22 6.04 6.99
CA LEU A 334 -11.46 7.07 6.30
C LEU A 334 -11.63 6.93 4.79
N TRP A 335 -11.64 8.08 4.10
CA TRP A 335 -11.93 8.13 2.68
C TRP A 335 -10.92 9.04 1.98
N LYS A 336 -10.42 8.58 0.83
CA LYS A 336 -9.56 9.38 -0.03
C LYS A 336 -10.19 9.44 -1.42
N ALA A 337 -9.79 10.47 -2.18
CA ALA A 337 -10.29 10.65 -3.53
C ALA A 337 -9.49 9.81 -4.51
N THR A 338 -10.19 9.19 -5.46
CA THR A 338 -9.54 8.39 -6.50
C THR A 338 -9.13 9.30 -7.65
N TYR A 339 -8.71 8.68 -8.77
CA TYR A 339 -8.35 9.46 -9.95
C TYR A 339 -9.57 10.06 -10.63
N SER A 340 -10.70 9.34 -10.61
CA SER A 340 -11.95 9.84 -11.19
C SER A 340 -12.75 10.70 -10.23
N ASN A 341 -12.08 11.32 -9.25
CA ASN A 341 -12.70 12.17 -8.24
C ASN A 341 -13.76 11.43 -7.43
N GLU A 342 -13.68 10.10 -7.40
CA GLU A 342 -14.53 9.28 -6.54
C GLU A 342 -13.81 9.02 -5.22
N PHE A 343 -14.58 8.94 -4.14
CA PHE A 343 -14.04 8.69 -2.82
C PHE A 343 -14.15 7.21 -2.47
N LYS A 344 -13.06 6.66 -1.95
CA LYS A 344 -12.95 5.22 -1.68
C LYS A 344 -12.49 5.02 -0.24
N CYS A 345 -13.15 4.09 0.44
CA CYS A 345 -12.83 3.82 1.84
C CYS A 345 -11.48 3.09 1.93
N MET A 346 -10.51 3.72 2.60
CA MET A 346 -9.19 3.12 2.74
C MET A 346 -8.99 2.39 4.06
N SER A 347 -9.79 2.69 5.09
CA SER A 347 -9.59 2.05 6.37
C SER A 347 -10.84 2.20 7.23
N VAL A 348 -11.12 1.16 8.01
CA VAL A 348 -12.19 1.15 9.01
C VAL A 348 -11.57 0.74 10.33
N ILE A 349 -11.96 1.44 11.41
CA ILE A 349 -11.31 1.26 12.70
C ILE A 349 -12.36 0.99 13.77
N THR A 350 -12.09 -0.02 14.61
CA THR A 350 -12.67 -0.32 15.92
C THR A 350 -14.13 -0.77 15.92
N ALA A 351 -14.57 -1.24 17.08
CA ALA A 351 -15.95 -1.63 17.36
C ALA A 351 -16.59 -0.67 18.36
N ILE B 51 -9.08 -2.72 5.09
CA ILE B 51 -8.21 -2.83 6.26
C ILE B 51 -9.01 -2.56 7.53
N LEU B 52 -8.90 -3.47 8.51
CA LEU B 52 -9.65 -3.38 9.75
C LEU B 52 -8.67 -3.36 10.92
N VAL B 53 -8.65 -2.25 11.64
CA VAL B 53 -7.71 -2.05 12.75
C VAL B 53 -8.50 -1.70 14.00
N PRO B 54 -8.10 -2.17 15.18
CA PRO B 54 -8.75 -1.70 16.41
C PRO B 54 -8.16 -0.35 16.86
N MET B 55 -9.05 0.59 17.20
CA MET B 55 -8.62 1.88 17.75
C MET B 55 -7.84 1.70 19.04
N THR B 56 -8.20 0.68 19.82
CA THR B 56 -7.55 0.40 21.08
C THR B 56 -7.74 -1.08 21.37
N VAL B 57 -6.63 -1.81 21.46
CA VAL B 57 -6.67 -3.26 21.68
C VAL B 57 -6.85 -3.52 23.17
N ASN B 58 -7.19 -2.47 23.93
CA ASN B 58 -7.39 -2.58 25.37
C ASN B 58 -8.81 -2.24 25.76
N ASP B 59 -9.23 -0.98 25.62
CA ASP B 59 -10.55 -0.54 26.07
C ASP B 59 -11.44 -0.35 24.84
N GLN B 60 -12.22 -1.38 24.52
CA GLN B 60 -13.22 -1.27 23.47
C GLN B 60 -14.50 -0.69 24.06
N PRO B 61 -14.96 0.47 23.60
CA PRO B 61 -16.13 1.09 24.25
C PRO B 61 -17.45 0.43 23.91
N ILE B 62 -17.55 -0.31 22.81
CA ILE B 62 -18.80 -0.97 22.40
C ILE B 62 -18.57 -2.47 22.46
N GLU B 63 -19.40 -3.17 23.25
CA GLU B 63 -19.31 -4.62 23.38
C GLU B 63 -20.49 -5.32 22.73
N LYS B 64 -21.71 -4.94 23.10
CA LYS B 64 -22.92 -5.57 22.57
C LYS B 64 -23.35 -4.89 21.28
N ASN B 65 -24.20 -5.61 20.53
CA ASN B 65 -24.71 -5.07 19.28
C ASN B 65 -25.86 -4.11 19.51
N GLY B 66 -26.66 -4.33 20.56
CA GLY B 66 -27.80 -3.47 20.81
C GLY B 66 -27.41 -2.14 21.44
N ASP B 67 -28.29 -1.16 21.26
CA ASP B 67 -28.13 0.19 21.77
C ASP B 67 -26.82 0.81 21.25
N LYS B 68 -26.85 1.11 19.95
CA LYS B 68 -25.69 1.70 19.29
C LYS B 68 -25.44 3.10 19.81
N MET B 69 -24.16 3.42 20.05
CA MET B 69 -23.79 4.70 20.63
C MET B 69 -23.22 5.65 19.59
N PRO B 70 -23.53 6.94 19.69
CA PRO B 70 -22.98 7.91 18.72
C PRO B 70 -21.49 8.11 18.87
N LEU B 71 -20.71 7.45 18.01
CA LEU B 71 -19.25 7.58 18.02
C LEU B 71 -18.84 8.76 17.15
N LYS B 72 -17.98 9.61 17.69
CA LYS B 72 -17.50 10.78 16.95
C LYS B 72 -15.98 10.73 16.86
N PHE B 73 -15.45 11.23 15.74
CA PHE B 73 -14.03 11.18 15.46
C PHE B 73 -13.63 12.47 14.76
N LYS B 74 -12.43 12.96 15.08
CA LYS B 74 -11.89 14.16 14.44
C LYS B 74 -10.43 13.96 14.08
N LEU B 75 -10.11 14.22 12.81
CA LEU B 75 -8.73 14.19 12.35
C LEU B 75 -8.00 15.43 12.85
N GLY B 76 -6.85 15.21 13.48
CA GLY B 76 -6.07 16.30 14.02
C GLY B 76 -5.12 16.91 13.01
N PRO B 77 -4.69 18.14 13.27
CA PRO B 77 -3.70 18.77 12.38
C PRO B 77 -2.40 17.98 12.28
N LEU B 78 -2.13 17.12 13.25
CA LEU B 78 -0.98 16.23 13.20
C LEU B 78 -1.44 14.82 12.83
N SER B 79 -0.60 14.10 12.10
CA SER B 79 -0.96 12.78 11.59
C SER B 79 -1.21 11.81 12.74
N TYR B 80 -0.19 11.58 13.57
CA TYR B 80 -0.26 10.52 14.58
C TYR B 80 -1.02 10.91 15.84
N GLN B 81 -1.86 11.96 15.81
CA GLN B 81 -2.63 12.39 16.99
C GLN B 81 -4.03 12.82 16.55
N ASN B 82 -4.87 11.86 16.17
CA ASN B 82 -6.28 12.14 15.90
C ASN B 82 -7.12 11.61 17.06
N MET B 83 -8.34 12.16 17.23
CA MET B 83 -9.09 11.89 18.44
C MET B 83 -10.44 11.24 18.12
N ALA B 84 -10.92 10.44 19.08
CA ALA B 84 -12.26 9.87 19.01
C ALA B 84 -12.89 9.91 20.40
N PHE B 85 -14.21 10.00 20.43
CA PHE B 85 -14.94 10.03 21.69
C PHE B 85 -16.37 9.56 21.44
N ILE B 86 -17.15 9.51 22.52
CA ILE B 86 -18.53 9.04 22.48
C ILE B 86 -19.39 10.00 23.28
N THR B 87 -20.48 10.47 22.67
CA THR B 87 -21.44 11.34 23.34
C THR B 87 -22.56 10.46 23.89
N ALA B 88 -22.31 9.88 25.08
CA ALA B 88 -23.27 9.01 25.72
C ALA B 88 -22.97 8.93 27.20
N LYS B 89 -23.95 8.47 27.97
CA LYS B 89 -23.79 8.33 29.41
C LYS B 89 -22.74 7.29 29.73
N ASP B 90 -21.93 7.56 30.75
CA ASP B 90 -20.90 6.66 31.25
C ASP B 90 -19.85 6.31 30.19
N LYS B 91 -19.73 7.13 29.15
CA LYS B 91 -18.71 6.95 28.11
C LYS B 91 -17.92 8.25 28.02
N TYR B 92 -17.00 8.43 28.97
CA TYR B 92 -16.26 9.68 29.12
C TYR B 92 -14.77 9.48 28.87
N LYS B 93 -14.42 8.51 28.02
CA LYS B 93 -13.03 8.25 27.67
C LYS B 93 -12.70 8.90 26.33
N LEU B 94 -11.53 9.52 26.26
CA LEU B 94 -11.00 10.04 25.01
C LEU B 94 -10.00 9.04 24.45
N TYR B 95 -10.07 8.80 23.15
CA TYR B 95 -9.23 7.78 22.51
C TYR B 95 -8.34 8.42 21.45
N PRO B 96 -7.03 8.49 21.68
CA PRO B 96 -6.10 8.95 20.64
C PRO B 96 -5.80 7.83 19.65
N VAL B 97 -6.26 7.99 18.42
CA VAL B 97 -6.04 6.99 17.38
C VAL B 97 -5.14 7.52 16.28
N ARG B 98 -3.89 7.07 16.28
CA ARG B 98 -2.92 7.50 15.27
C ARG B 98 -3.33 7.02 13.88
N ILE B 99 -3.05 7.85 12.87
CA ILE B 99 -3.38 7.50 11.49
C ILE B 99 -2.75 6.17 11.10
N PRO B 100 -3.57 5.24 10.60
CA PRO B 100 -3.21 3.82 10.41
C PRO B 100 -2.16 3.65 9.31
N ARG B 101 -1.29 2.65 9.48
CA ARG B 101 -0.22 2.34 8.53
C ARG B 101 0.64 3.56 8.21
N LEU B 102 1.38 4.03 9.22
CA LEU B 102 2.22 5.20 9.07
C LEU B 102 3.61 4.94 9.63
N ASP B 103 4.57 5.77 9.22
CA ASP B 103 5.95 5.67 9.63
C ASP B 103 6.37 6.97 10.29
N THR B 104 6.69 6.91 11.59
CA THR B 104 7.14 8.07 12.35
C THR B 104 8.61 7.98 12.74
N SER B 105 9.29 6.89 12.39
CA SER B 105 10.66 6.68 12.81
C SER B 105 11.61 7.66 12.12
N LYS B 106 12.78 7.83 12.73
CA LYS B 106 13.79 8.74 12.18
C LYS B 106 14.46 8.13 10.95
N GLU B 107 14.53 6.80 10.88
CA GLU B 107 15.10 6.15 9.70
C GLU B 107 14.26 6.44 8.47
N PHE B 108 12.93 6.50 8.64
CA PHE B 108 12.07 6.85 7.52
C PHE B 108 12.32 8.27 7.04
N SER B 109 12.54 9.20 7.97
CA SER B 109 12.80 10.59 7.59
C SER B 109 14.12 10.72 6.86
N ALA B 110 15.14 9.94 7.27
CA ALA B 110 16.41 9.97 6.57
C ALA B 110 16.30 9.31 5.20
N TYR B 111 15.46 8.29 5.08
CA TYR B 111 15.22 7.65 3.80
C TYR B 111 14.54 8.61 2.83
N VAL B 112 13.53 9.35 3.31
CA VAL B 112 12.85 10.33 2.45
C VAL B 112 13.81 11.46 2.10
N SER B 113 14.64 11.89 3.05
CA SER B 113 15.64 12.92 2.76
C SER B 113 16.59 12.46 1.67
N GLY B 114 17.02 11.20 1.72
CA GLY B 114 17.91 10.68 0.70
C GLY B 114 17.23 10.55 -0.65
N LEU B 115 15.98 10.10 -0.67
CA LEU B 115 15.25 9.97 -1.93
C LEU B 115 15.01 11.32 -2.57
N PHE B 116 14.68 12.34 -1.77
CA PHE B 116 14.45 13.67 -2.31
C PHE B 116 15.76 14.29 -2.79
N GLU B 117 16.88 13.94 -2.17
CA GLU B 117 18.17 14.40 -2.67
C GLU B 117 18.46 13.83 -4.05
N ILE B 118 18.20 12.53 -4.24
CA ILE B 118 18.41 11.91 -5.54
C ILE B 118 17.44 12.46 -6.57
N TYR B 119 16.22 12.79 -6.14
CA TYR B 119 15.25 13.38 -7.07
C TYR B 119 15.70 14.76 -7.53
N ARG B 120 16.05 15.64 -6.58
CA ARG B 120 16.60 16.93 -6.97
C ARG B 120 17.90 16.76 -7.73
N ASP B 121 18.64 15.70 -7.43
CA ASP B 121 19.91 15.41 -8.10
C ASP B 121 19.67 15.05 -9.55
N LEU B 122 18.56 14.35 -9.80
CA LEU B 122 18.20 13.94 -11.15
C LEU B 122 17.72 15.14 -11.96
N GLY B 123 17.45 16.25 -11.28
CA GLY B 123 17.00 17.44 -11.94
C GLY B 123 15.81 17.37 -12.89
N ASP B 124 16.05 17.88 -14.09
CA ASP B 124 15.02 17.99 -15.10
C ASP B 124 14.87 16.85 -16.06
N ASP B 125 14.31 15.75 -15.63
CA ASP B 125 14.06 14.71 -16.56
C ASP B 125 12.62 14.29 -16.44
N ARG B 126 11.95 14.19 -17.58
CA ARG B 126 10.55 13.83 -17.61
C ARG B 126 10.18 12.70 -18.59
N VAL B 127 10.25 12.93 -19.90
CA VAL B 127 9.90 11.92 -20.89
C VAL B 127 10.46 12.29 -22.26
N PHE B 128 11.10 11.32 -22.92
CA PHE B 128 11.67 11.54 -24.24
C PHE B 128 11.26 10.43 -25.21
N VAL B 136 10.64 3.00 -30.74
CA VAL B 136 11.47 3.77 -29.83
C VAL B 136 11.97 5.00 -30.55
N ASN B 137 13.26 5.27 -30.39
CA ASN B 137 13.89 6.35 -31.14
C ASN B 137 15.30 5.93 -31.50
N SER B 138 15.91 6.69 -32.42
CA SER B 138 17.24 6.39 -32.89
C SER B 138 17.92 7.72 -33.23
N ASN B 139 18.31 8.45 -32.20
CA ASN B 139 18.90 9.77 -32.41
C ASN B 139 19.74 10.18 -31.21
N PHE B 140 20.61 11.14 -31.42
CA PHE B 140 21.43 11.73 -30.37
C PHE B 140 22.15 10.73 -29.47
N ALA B 141 22.19 10.94 -28.16
CA ALA B 141 22.92 10.03 -27.28
C ALA B 141 22.07 9.43 -26.18
N LYS B 142 22.72 8.78 -25.23
CA LYS B 142 22.02 8.17 -24.11
C LYS B 142 21.28 9.19 -23.28
N GLU B 143 21.92 10.33 -23.02
CA GLU B 143 21.28 11.39 -22.23
C GLU B 143 20.81 10.87 -20.87
N HIS B 144 19.52 11.05 -20.60
CA HIS B 144 18.92 10.61 -19.35
C HIS B 144 19.01 9.10 -19.12
N ASN B 145 18.86 8.31 -20.19
CA ASN B 145 18.92 6.85 -20.12
C ASN B 145 20.03 6.29 -19.25
N ALA B 146 21.29 6.52 -19.63
CA ALA B 146 22.38 6.05 -18.85
C ALA B 146 22.28 6.72 -17.50
N THR B 147 22.04 8.02 -17.47
CA THR B 147 21.95 8.71 -16.19
C THR B 147 20.85 8.21 -15.34
N VAL B 148 19.74 7.89 -15.94
CA VAL B 148 18.68 7.36 -15.20
C VAL B 148 19.09 6.09 -14.54
N ASN B 149 19.78 5.17 -15.20
CA ASN B 149 20.11 3.97 -14.49
C ASN B 149 20.96 4.22 -13.27
N LEU B 150 22.01 5.02 -13.40
CA LEU B 150 22.84 5.39 -12.26
C LEU B 150 21.97 5.88 -11.11
N ALA B 151 20.93 6.67 -11.43
CA ALA B 151 20.01 7.12 -10.41
C ALA B 151 19.19 5.96 -9.86
N MET B 152 18.84 5.00 -10.71
CA MET B 152 18.06 3.84 -10.26
C MET B 152 18.85 3.00 -9.26
N GLU B 153 20.11 2.69 -9.57
CA GLU B 153 20.89 1.91 -8.62
C GLU B 153 21.22 2.72 -7.37
N ALA B 154 21.15 4.05 -7.46
CA ALA B 154 21.37 4.88 -6.29
C ALA B 154 20.19 4.80 -5.33
N ILE B 155 18.96 4.87 -5.84
CA ILE B 155 17.80 4.78 -4.97
C ILE B 155 17.64 3.36 -4.44
N LEU B 156 18.10 2.35 -5.20
CA LEU B 156 18.10 0.98 -4.70
C LEU B 156 19.05 0.84 -3.52
N ASN B 157 20.22 1.44 -3.63
CA ASN B 157 21.14 1.50 -2.49
C ASN B 157 20.49 2.24 -1.31
N GLU B 158 19.77 3.34 -1.60
CA GLU B 158 19.13 4.09 -0.54
C GLU B 158 18.06 3.26 0.16
N LEU B 159 17.25 2.53 -0.61
CA LEU B 159 16.23 1.67 -0.01
C LEU B 159 16.87 0.56 0.82
N GLU B 160 18.02 0.06 0.39
CA GLU B 160 18.68 -0.99 1.14
C GLU B 160 19.20 -0.48 2.48
N VAL B 161 19.77 0.74 2.49
CA VAL B 161 20.21 1.33 3.75
C VAL B 161 19.03 1.54 4.67
N PHE B 162 17.88 1.95 4.12
CA PHE B 162 16.67 2.09 4.92
C PHE B 162 16.28 0.75 5.54
N ILE B 163 16.26 -0.31 4.73
CA ILE B 163 15.87 -1.63 5.23
C ILE B 163 16.85 -2.11 6.30
N GLY B 164 18.14 -1.80 6.12
CA GLY B 164 19.12 -2.18 7.12
C GLY B 164 18.91 -1.48 8.45
N ARG B 165 18.69 -0.16 8.40
CA ARG B 165 18.43 0.60 9.61
C ARG B 165 17.10 0.23 10.25
N VAL B 166 16.16 -0.31 9.47
CA VAL B 166 14.91 -0.79 10.04
C VAL B 166 15.12 -2.10 10.79
N LYS B 167 15.87 -3.03 10.18
CA LYS B 167 16.12 -4.31 10.82
C LYS B 167 16.91 -4.15 12.12
N ASP B 168 17.76 -3.12 12.21
CA ASP B 168 18.51 -2.89 13.43
C ASP B 168 17.59 -2.45 14.56
N GLN B 169 16.95 -1.30 14.41
CA GLN B 169 16.05 -0.75 15.42
C GLN B 169 14.61 -0.95 14.96
N ASP B 170 13.92 -1.89 15.58
CA ASP B 170 12.56 -2.20 15.16
C ASP B 170 11.76 -2.75 16.33
N GLY B 171 10.44 -2.61 16.21
CA GLY B 171 9.52 -3.20 17.17
C GLY B 171 8.48 -4.02 16.45
N ARG B 172 8.07 -3.56 15.26
CA ARG B 172 7.20 -4.31 14.37
C ARG B 172 7.98 -4.67 13.12
N VAL B 173 7.89 -5.94 12.72
CA VAL B 173 8.65 -6.43 11.56
C VAL B 173 7.80 -6.46 10.29
N ASN B 174 6.50 -6.18 10.38
CA ASN B 174 5.68 -6.18 9.18
C ASN B 174 6.13 -5.07 8.22
N ARG B 175 6.55 -3.93 8.77
CA ARG B 175 7.14 -2.86 7.95
C ARG B 175 8.38 -3.36 7.22
N PHE B 176 9.20 -4.16 7.91
CA PHE B 176 10.37 -4.75 7.29
C PHE B 176 9.99 -5.67 6.14
N TYR B 177 8.88 -6.40 6.29
CA TYR B 177 8.42 -7.30 5.23
C TYR B 177 7.93 -6.52 4.02
N GLU B 178 7.19 -5.43 4.24
CA GLU B 178 6.71 -4.63 3.12
C GLU B 178 7.87 -3.97 2.38
N LEU B 179 8.86 -3.46 3.11
CA LEU B 179 10.00 -2.82 2.47
C LEU B 179 10.81 -3.82 1.65
N GLU B 180 10.95 -5.05 2.15
CA GLU B 180 11.71 -6.05 1.39
C GLU B 180 10.96 -6.47 0.14
N GLU B 181 9.63 -6.54 0.20
CA GLU B 181 8.85 -6.80 -1.00
C GLU B 181 9.02 -5.68 -2.01
N SER B 182 9.02 -4.42 -1.56
CA SER B 182 9.28 -3.32 -2.46
C SER B 182 10.68 -3.39 -3.05
N LEU B 183 11.66 -3.79 -2.24
CA LEU B 183 13.03 -3.91 -2.75
C LEU B 183 13.14 -5.02 -3.79
N THR B 184 12.42 -6.12 -3.58
CA THR B 184 12.43 -7.21 -4.56
C THR B 184 11.86 -6.74 -5.89
N VAL B 185 10.73 -6.03 -5.87
CA VAL B 185 10.14 -5.50 -7.10
C VAL B 185 11.09 -4.53 -7.77
N LEU B 186 11.75 -3.68 -6.98
CA LEU B 186 12.70 -2.73 -7.55
C LEU B 186 13.91 -3.45 -8.15
N ASN B 187 14.33 -4.56 -7.54
CA ASN B 187 15.42 -5.33 -8.12
C ASN B 187 15.01 -5.90 -9.48
N CYS B 188 13.81 -6.49 -9.55
CA CYS B 188 13.30 -7.00 -10.82
C CYS B 188 13.22 -5.87 -11.85
N LEU B 189 12.70 -4.71 -11.45
CA LEU B 189 12.54 -3.60 -12.39
C LEU B 189 13.89 -3.15 -12.93
N ARG B 190 14.89 -3.01 -12.06
CA ARG B 190 16.21 -2.59 -12.53
C ARG B 190 16.85 -3.65 -13.42
N THR B 191 16.64 -4.92 -13.10
CA THR B 191 17.19 -5.98 -13.94
C THR B 191 16.54 -5.98 -15.32
N MET B 192 15.25 -5.65 -15.38
CA MET B 192 14.51 -5.80 -16.64
C MET B 192 14.68 -4.60 -17.56
N TYR B 193 14.76 -3.37 -17.02
CA TYR B 193 14.76 -2.17 -17.86
C TYR B 193 15.80 -1.13 -17.46
N PHE B 194 16.75 -1.48 -16.59
CA PHE B 194 17.70 -0.50 -16.07
C PHE B 194 19.13 -0.99 -16.12
N ILE B 195 19.47 -1.79 -17.12
CA ILE B 195 20.84 -2.24 -17.34
C ILE B 195 21.13 -2.28 -18.83
N LEU B 196 20.29 -2.97 -19.60
CA LEU B 196 20.56 -3.17 -21.02
C LEU B 196 20.14 -1.98 -21.88
N ASP B 197 19.29 -1.09 -21.37
CA ASP B 197 18.74 0.05 -22.12
C ASP B 197 18.05 -0.43 -23.40
N GLY B 198 17.13 -1.38 -23.24
CA GLY B 198 16.37 -1.92 -24.35
C GLY B 198 17.12 -2.90 -25.23
N GLN B 199 18.44 -3.01 -25.10
CA GLN B 199 19.23 -3.88 -25.96
C GLN B 199 19.12 -5.34 -25.52
N ASP B 200 20.14 -6.14 -25.84
CA ASP B 200 20.17 -7.55 -25.50
C ASP B 200 21.24 -7.82 -24.44
N VAL B 201 21.36 -9.09 -24.07
CA VAL B 201 22.23 -9.48 -22.96
C VAL B 201 23.70 -9.40 -23.36
N GLU B 202 24.00 -9.70 -24.62
CA GLU B 202 25.40 -9.73 -25.06
C GLU B 202 26.08 -8.38 -24.94
N GLU B 203 25.31 -7.29 -24.95
CA GLU B 203 25.90 -5.96 -24.85
C GLU B 203 26.60 -5.77 -23.51
N ASN B 204 25.96 -6.17 -22.42
CA ASN B 204 26.55 -5.96 -21.10
C ASN B 204 26.12 -7.13 -20.20
N ARG B 205 26.79 -8.27 -20.39
CA ARG B 205 26.40 -9.48 -19.67
C ARG B 205 26.79 -9.39 -18.19
N SER B 206 27.93 -8.78 -17.89
CA SER B 206 28.44 -8.79 -16.52
C SER B 206 27.46 -8.14 -15.56
N GLU B 207 26.88 -7.01 -15.96
CA GLU B 207 25.95 -6.31 -15.07
C GLU B 207 24.63 -7.06 -14.95
N PHE B 208 24.05 -7.44 -16.09
CA PHE B 208 22.71 -8.04 -16.13
C PHE B 208 22.59 -9.23 -15.16
N ILE B 209 23.46 -10.23 -15.33
CA ILE B 209 23.40 -11.44 -14.50
C ILE B 209 23.60 -11.08 -13.04
N GLU B 210 24.58 -10.23 -12.75
CA GLU B 210 24.87 -9.85 -11.38
C GLU B 210 23.62 -9.31 -10.68
N SER B 211 22.75 -8.64 -11.44
CA SER B 211 21.49 -8.17 -10.88
C SER B 211 20.45 -9.28 -10.80
N LEU B 212 20.39 -10.14 -11.82
CA LEU B 212 19.40 -11.22 -11.83
C LEU B 212 19.66 -12.20 -10.69
N LEU B 213 20.90 -12.69 -10.58
CA LEU B 213 21.26 -13.55 -9.45
C LEU B 213 20.93 -12.88 -8.12
N ASN B 214 21.00 -11.55 -8.06
CA ASN B 214 20.62 -10.83 -6.85
C ASN B 214 19.10 -10.86 -6.65
N TRP B 215 18.34 -10.45 -7.66
CA TRP B 215 16.89 -10.35 -7.53
C TRP B 215 16.27 -11.68 -7.12
N ILE B 216 16.78 -12.79 -7.66
CA ILE B 216 16.25 -14.10 -7.27
C ILE B 216 16.68 -14.45 -5.85
N ASN B 217 17.96 -14.26 -5.54
CA ASN B 217 18.50 -14.69 -4.24
C ASN B 217 17.74 -14.06 -3.08
N ARG B 218 17.62 -12.73 -3.09
CA ARG B 218 16.96 -12.04 -1.97
C ARG B 218 15.45 -12.23 -1.98
N SER B 219 14.85 -12.42 -3.16
CA SER B 219 13.40 -12.44 -3.31
C SER B 219 12.69 -13.32 -2.29
N ASP B 220 12.86 -14.63 -2.41
CA ASP B 220 12.17 -15.58 -1.55
C ASP B 220 13.07 -16.04 -0.41
N GLY B 221 12.67 -17.12 0.25
CA GLY B 221 13.43 -17.64 1.37
C GLY B 221 13.42 -19.16 1.38
N GLU B 222 12.99 -19.77 0.28
CA GLU B 222 12.96 -21.23 0.19
C GLU B 222 14.31 -21.87 0.44
N PRO B 223 15.44 -21.38 -0.13
CA PRO B 223 16.74 -21.93 0.27
C PRO B 223 17.12 -21.45 1.67
N ASP B 224 16.99 -22.33 2.66
CA ASP B 224 17.26 -21.93 4.04
C ASP B 224 17.75 -23.14 4.82
N GLU B 225 18.29 -22.84 6.01
CA GLU B 225 18.86 -23.91 6.84
C GLU B 225 17.81 -24.91 7.29
N GLU B 226 16.57 -24.44 7.52
CA GLU B 226 15.52 -25.35 7.97
C GLU B 226 15.16 -26.35 6.88
N TYR B 227 15.18 -25.90 5.62
CA TYR B 227 14.81 -26.80 4.52
C TYR B 227 15.91 -27.83 4.26
N ILE B 228 17.15 -27.38 4.14
CA ILE B 228 18.23 -28.31 3.80
C ILE B 228 18.36 -29.41 4.84
N GLU B 229 18.29 -29.04 6.13
CA GLU B 229 18.46 -30.04 7.18
C GLU B 229 17.40 -31.13 7.09
N GLN B 230 16.20 -30.77 6.64
CA GLN B 230 15.17 -31.78 6.44
C GLN B 230 15.64 -32.84 5.45
N VAL B 231 16.40 -32.44 4.44
CA VAL B 231 16.93 -33.39 3.47
C VAL B 231 18.34 -33.84 3.82
N PHE B 232 19.03 -33.12 4.69
CA PHE B 232 20.36 -33.50 5.13
C PHE B 232 20.34 -34.45 6.33
N SER B 233 19.17 -34.86 6.82
CA SER B 233 19.12 -35.61 8.06
C SER B 233 18.31 -36.90 8.04
N VAL B 234 17.50 -37.16 7.03
CA VAL B 234 16.68 -38.37 7.04
C VAL B 234 16.67 -39.08 5.70
N PHE B 244 22.12 -38.86 -0.58
CA PHE B 244 22.41 -39.05 -1.99
C PHE B 244 21.39 -39.98 -2.64
N GLU B 245 21.05 -41.06 -1.94
CA GLU B 245 20.08 -42.03 -2.45
C GLU B 245 18.70 -41.40 -2.63
N THR B 246 18.31 -40.56 -1.69
CA THR B 246 17.01 -39.90 -1.74
C THR B 246 16.91 -38.96 -2.94
N GLN B 247 15.74 -38.95 -3.58
CA GLN B 247 15.50 -38.10 -4.74
C GLN B 247 15.58 -36.62 -4.39
N TYR B 248 15.04 -36.27 -3.22
CA TYR B 248 15.02 -34.89 -2.74
C TYR B 248 16.36 -34.16 -2.87
N PHE B 249 17.45 -34.87 -2.62
CA PHE B 249 18.78 -34.26 -2.72
C PHE B 249 19.00 -33.64 -4.09
N TRP B 250 18.60 -34.36 -5.15
CA TRP B 250 18.81 -33.84 -6.50
C TRP B 250 17.84 -32.72 -6.83
N LYS B 251 16.62 -32.76 -6.29
CA LYS B 251 15.72 -31.64 -6.45
C LYS B 251 16.31 -30.37 -5.86
N LEU B 252 16.93 -30.48 -4.69
CA LEU B 252 17.52 -29.31 -4.05
C LEU B 252 18.79 -28.86 -4.77
N LEU B 253 19.57 -29.82 -5.27
CA LEU B 253 20.76 -29.47 -6.04
C LEU B 253 20.38 -28.71 -7.31
N ASN B 254 19.36 -29.20 -8.02
CA ASN B 254 18.94 -28.50 -9.23
C ASN B 254 18.25 -27.18 -8.91
N GLN B 255 17.63 -27.07 -7.73
CA GLN B 255 17.06 -25.79 -7.31
C GLN B 255 18.16 -24.79 -7.01
N LEU B 256 19.27 -25.25 -6.42
CA LEU B 256 20.43 -24.39 -6.24
C LEU B 256 21.00 -23.96 -7.58
N VAL B 257 21.06 -24.89 -8.55
CA VAL B 257 21.65 -24.57 -9.85
C VAL B 257 20.79 -23.56 -10.60
N LEU B 258 19.47 -23.74 -10.57
CA LEU B 258 18.56 -22.81 -11.24
C LEU B 258 18.61 -21.43 -10.60
N ARG B 259 19.21 -21.29 -9.42
CA ARG B 259 19.34 -20.01 -8.75
C ARG B 259 20.73 -19.39 -8.88
N GLY B 260 21.61 -20.00 -9.68
CA GLY B 260 22.98 -19.55 -9.75
C GLY B 260 23.73 -19.65 -8.44
N LEU B 261 23.23 -20.41 -7.47
CA LEU B 261 23.93 -20.57 -6.18
C LEU B 261 25.00 -21.66 -6.29
N LEU B 262 26.03 -21.34 -7.08
CA LEU B 262 27.04 -22.33 -7.46
C LEU B 262 27.82 -22.83 -6.25
N SER B 263 28.32 -21.90 -5.42
CA SER B 263 29.14 -22.31 -4.27
C SER B 263 28.34 -23.15 -3.29
N GLN B 264 27.07 -22.82 -3.07
CA GLN B 264 26.24 -23.60 -2.17
C GLN B 264 26.08 -25.03 -2.69
N ALA B 265 25.82 -25.15 -3.99
CA ALA B 265 25.65 -26.45 -4.62
C ALA B 265 26.92 -27.28 -4.57
N ILE B 266 28.04 -26.66 -4.93
CA ILE B 266 29.33 -27.34 -4.92
C ILE B 266 29.71 -27.78 -3.51
N GLY B 267 29.45 -26.92 -2.54
CA GLY B 267 29.75 -27.20 -1.16
C GLY B 267 28.97 -28.39 -0.63
N CYS B 268 27.70 -28.35 -0.94
CA CYS B 268 26.87 -29.42 -0.54
C CYS B 268 27.42 -30.68 -1.16
N ILE B 269 28.21 -30.56 -2.22
CA ILE B 269 28.76 -31.72 -2.87
C ILE B 269 29.64 -32.48 -1.94
N GLU B 270 30.56 -31.78 -1.33
CA GLU B 270 31.47 -32.38 -0.38
C GLU B 270 30.62 -33.01 0.68
N ARG B 271 29.58 -32.28 1.05
CA ARG B 271 28.64 -32.76 2.02
C ARG B 271 27.95 -33.98 1.49
N SER B 272 27.60 -33.95 0.22
CA SER B 272 26.95 -35.06 -0.36
C SER B 272 27.83 -36.31 -0.32
N ASP B 273 27.13 -37.41 -0.22
CA ASP B 273 27.73 -38.70 -0.11
C ASP B 273 28.62 -39.09 -1.29
N LEU B 274 28.29 -38.67 -2.48
CA LEU B 274 28.94 -39.16 -3.70
C LEU B 274 30.43 -39.15 -4.07
N LEU B 275 31.23 -38.13 -3.77
CA LEU B 275 32.57 -38.15 -4.33
C LEU B 275 33.48 -39.32 -4.01
N PRO B 276 33.56 -39.69 -2.75
CA PRO B 276 34.40 -40.85 -2.44
C PRO B 276 33.76 -42.08 -3.04
N TYR B 277 32.45 -42.19 -2.93
CA TYR B 277 31.76 -43.34 -3.45
C TYR B 277 31.94 -43.45 -4.94
N LEU B 278 31.92 -42.35 -5.67
CA LEU B 278 32.16 -42.42 -7.12
C LEU B 278 33.54 -42.99 -7.38
N SER B 279 34.55 -42.58 -6.60
CA SER B 279 35.86 -43.19 -6.74
C SER B 279 35.73 -44.64 -6.42
N ASP B 280 35.00 -45.00 -5.37
CA ASP B 280 34.81 -46.40 -5.10
C ASP B 280 34.06 -47.08 -6.23
N THR B 281 33.10 -46.45 -6.88
CA THR B 281 32.41 -47.14 -7.96
C THR B 281 33.01 -46.80 -9.31
N CYS B 282 32.19 -46.58 -10.35
CA CYS B 282 32.76 -46.27 -11.64
C CYS B 282 33.58 -45.01 -11.55
N ALA B 283 34.82 -45.10 -11.96
CA ALA B 283 35.63 -43.96 -11.86
C ALA B 283 35.17 -42.87 -12.78
N VAL B 284 34.93 -43.30 -14.02
CA VAL B 284 34.63 -42.42 -15.12
C VAL B 284 33.59 -41.45 -14.75
N SER B 285 32.52 -41.98 -14.23
CA SER B 285 31.46 -41.15 -13.73
C SER B 285 32.03 -40.24 -12.69
N PHE B 286 32.85 -40.78 -11.80
CA PHE B 286 33.45 -39.94 -10.81
C PHE B 286 34.32 -38.88 -11.41
N ASP B 287 35.04 -39.18 -12.47
CA ASP B 287 35.84 -38.18 -13.08
C ASP B 287 34.91 -37.12 -13.58
N ALA B 288 34.01 -37.55 -14.45
CA ALA B 288 32.96 -36.71 -15.05
C ALA B 288 32.37 -35.75 -14.03
N VAL B 289 31.80 -36.29 -12.95
CA VAL B 289 31.20 -35.44 -11.92
C VAL B 289 32.20 -34.42 -11.41
N SER B 290 33.46 -34.82 -11.27
CA SER B 290 34.50 -33.86 -10.86
C SER B 290 34.75 -32.83 -11.94
N ASP B 291 34.72 -33.23 -13.21
CA ASP B 291 34.83 -32.26 -14.28
C ASP B 291 33.64 -31.32 -14.31
N SER B 292 32.46 -31.80 -13.93
CA SER B 292 31.29 -30.92 -13.86
C SER B 292 31.39 -29.98 -12.67
N ILE B 293 31.94 -30.46 -11.56
CA ILE B 293 32.18 -29.58 -10.41
C ILE B 293 33.18 -28.50 -10.79
N GLU B 294 34.27 -28.89 -11.44
CA GLU B 294 35.23 -27.92 -11.96
C GLU B 294 34.55 -26.96 -12.92
N LEU B 295 33.67 -27.48 -13.77
CA LEU B 295 33.02 -26.66 -14.79
C LEU B 295 32.23 -25.52 -14.14
N LEU B 296 31.54 -25.80 -13.02
CA LEU B 296 30.76 -24.77 -12.37
C LEU B 296 31.64 -23.73 -11.67
N LYS B 297 32.85 -24.12 -11.25
CA LYS B 297 33.76 -23.14 -10.68
C LYS B 297 34.28 -22.19 -11.76
N GLN B 298 34.46 -22.68 -12.98
CA GLN B 298 34.97 -21.88 -14.09
C GLN B 298 33.86 -21.24 -14.92
N TYR B 299 32.64 -21.17 -14.39
CA TYR B 299 31.54 -20.52 -15.10
C TYR B 299 31.91 -19.09 -15.45
N PRO B 300 31.69 -18.63 -16.68
CA PRO B 300 32.05 -17.26 -17.05
C PRO B 300 30.86 -16.32 -17.01
N LYS B 301 31.02 -15.19 -16.36
CA LYS B 301 29.99 -14.17 -16.31
C LYS B 301 30.35 -12.92 -17.10
N ASP B 302 31.60 -12.78 -17.53
CA ASP B 302 32.08 -11.54 -18.11
C ASP B 302 31.67 -11.34 -19.55
N SER B 303 31.67 -12.39 -20.37
CA SER B 303 31.39 -12.22 -21.79
C SER B 303 30.53 -13.35 -22.32
N SER B 304 29.70 -13.01 -23.30
CA SER B 304 28.88 -14.03 -23.96
C SER B 304 29.70 -14.94 -24.85
N SER B 305 30.81 -14.43 -25.41
CA SER B 305 31.68 -15.27 -26.24
C SER B 305 32.28 -16.40 -25.41
N THR B 306 32.78 -16.08 -24.21
CA THR B 306 33.24 -17.12 -23.30
C THR B 306 32.11 -18.07 -22.95
N PHE B 307 30.89 -17.55 -22.80
CA PHE B 307 29.74 -18.39 -22.51
C PHE B 307 29.48 -19.39 -23.63
N ARG B 308 29.63 -18.95 -24.88
CA ARG B 308 29.31 -19.81 -26.02
C ARG B 308 30.12 -21.10 -25.98
N GLU B 309 31.42 -21.00 -25.71
CA GLU B 309 32.23 -22.20 -25.54
C GLU B 309 31.74 -23.03 -24.36
N TRP B 310 31.37 -22.35 -23.27
CA TRP B 310 30.96 -23.02 -22.05
C TRP B 310 29.79 -23.96 -22.30
N LYS B 311 28.66 -23.42 -22.77
CA LYS B 311 27.50 -24.26 -23.06
C LYS B 311 27.82 -25.32 -24.11
N ASN B 312 28.73 -25.01 -25.03
CA ASN B 312 29.20 -26.03 -25.96
C ASN B 312 29.90 -27.17 -25.23
N LEU B 313 30.72 -26.84 -24.23
CA LEU B 313 31.40 -27.88 -23.44
C LEU B 313 30.39 -28.72 -22.66
N VAL B 314 29.39 -28.08 -22.06
CA VAL B 314 28.41 -28.81 -21.26
C VAL B 314 27.57 -29.73 -22.14
N LEU B 315 27.24 -29.29 -23.35
CA LEU B 315 26.47 -30.14 -24.26
C LEU B 315 27.31 -31.33 -24.73
N LYS B 316 28.61 -31.10 -24.98
CA LYS B 316 29.48 -32.22 -25.35
C LYS B 316 29.62 -33.20 -24.19
N LEU B 317 29.69 -32.69 -22.96
CA LEU B 317 29.79 -33.57 -21.79
C LEU B 317 28.50 -34.37 -21.61
N SER B 318 27.34 -33.73 -21.78
CA SER B 318 26.08 -34.44 -21.61
C SER B 318 25.90 -35.51 -22.67
N GLN B 319 26.30 -35.23 -23.91
CA GLN B 319 26.23 -36.25 -24.96
C GLN B 319 27.16 -37.40 -24.66
N ALA B 320 28.39 -37.10 -24.23
CA ALA B 320 29.37 -38.15 -23.97
C ALA B 320 28.93 -39.07 -22.83
N PHE B 321 28.30 -38.50 -21.80
CA PHE B 321 27.82 -39.32 -20.70
C PHE B 321 26.55 -40.08 -21.06
N GLY B 322 25.67 -39.47 -21.87
CA GLY B 322 24.45 -40.15 -22.27
C GLY B 322 24.71 -41.39 -23.10
N SER B 323 25.81 -41.40 -23.86
CA SER B 323 26.25 -42.58 -24.61
C SER B 323 27.57 -43.03 -24.01
N SER B 324 27.49 -43.68 -22.85
CA SER B 324 28.67 -44.12 -22.14
C SER B 324 28.30 -45.36 -21.31
N ALA B 325 29.18 -45.71 -20.37
CA ALA B 325 28.97 -46.90 -19.56
C ALA B 325 28.06 -46.59 -18.38
N THR B 326 27.21 -47.56 -18.03
CA THR B 326 26.28 -47.45 -16.92
C THR B 326 26.68 -48.48 -15.87
N ASP B 327 27.67 -48.14 -15.05
CA ASP B 327 28.14 -49.01 -13.98
C ASP B 327 27.63 -48.57 -12.61
N ILE B 328 26.54 -47.79 -12.58
CA ILE B 328 25.95 -47.34 -11.33
C ILE B 328 24.49 -47.80 -11.29
N SER B 329 23.76 -47.33 -10.29
CA SER B 329 22.35 -47.66 -10.21
C SER B 329 21.57 -46.95 -11.33
N GLY B 330 20.40 -47.50 -11.64
CA GLY B 330 19.54 -46.87 -12.62
C GLY B 330 19.12 -45.47 -12.19
N GLU B 331 18.78 -45.30 -10.91
CA GLU B 331 18.36 -44.00 -10.41
C GLU B 331 19.51 -43.02 -10.36
N LEU B 332 20.74 -43.51 -10.13
CA LEU B 332 21.88 -42.60 -10.07
C LEU B 332 22.29 -42.17 -11.48
N ARG B 333 22.39 -43.13 -12.40
CA ARG B 333 22.41 -42.78 -13.82
C ARG B 333 21.28 -41.82 -14.15
N ASP B 334 20.13 -42.00 -13.51
CA ASP B 334 18.94 -41.19 -13.75
C ASP B 334 18.88 -39.95 -12.87
N TYR B 335 19.96 -39.65 -12.17
CA TYR B 335 20.02 -38.39 -11.45
C TYR B 335 21.17 -37.56 -11.97
N ILE B 336 22.08 -38.19 -12.71
CA ILE B 336 23.20 -37.48 -13.27
C ILE B 336 22.84 -36.91 -14.64
N GLU B 337 22.09 -37.65 -15.47
CA GLU B 337 21.72 -37.14 -16.79
C GLU B 337 20.88 -35.86 -16.66
N ASP B 338 19.92 -35.84 -15.73
CA ASP B 338 19.15 -34.62 -15.45
C ASP B 338 20.08 -33.47 -15.19
N PHE B 339 20.93 -33.64 -14.17
CA PHE B 339 21.81 -32.59 -13.71
C PHE B 339 22.61 -32.02 -14.87
N LEU B 340 23.17 -32.89 -15.71
CA LEU B 340 23.91 -32.45 -16.88
C LEU B 340 23.03 -31.70 -17.87
N LEU B 341 21.77 -32.09 -18.01
CA LEU B 341 20.89 -31.47 -18.99
C LEU B 341 20.20 -30.22 -18.45
N VAL B 342 20.03 -30.10 -17.13
CA VAL B 342 19.65 -28.84 -16.54
C VAL B 342 20.76 -27.81 -16.73
N ILE B 343 22.02 -28.24 -16.55
CA ILE B 343 23.16 -27.37 -16.83
C ILE B 343 23.23 -27.06 -18.32
N GLY B 344 22.94 -28.05 -19.17
CA GLY B 344 22.95 -27.82 -20.60
C GLY B 344 21.89 -26.83 -21.06
N GLY B 345 20.80 -26.73 -20.31
CA GLY B 345 19.72 -25.82 -20.63
C GLY B 345 18.49 -26.41 -21.32
N ASN B 346 18.24 -27.72 -21.19
CA ASN B 346 17.03 -28.31 -21.77
C ASN B 346 15.80 -27.79 -21.05
N GLN B 347 14.77 -27.41 -21.82
CA GLN B 347 13.66 -26.65 -21.26
C GLN B 347 12.80 -27.49 -20.33
N ARG B 348 12.66 -28.78 -20.62
CA ARG B 348 11.85 -29.66 -19.79
C ARG B 348 12.29 -29.64 -18.33
N LYS B 349 13.56 -29.92 -18.06
CA LYS B 349 13.99 -30.19 -16.69
C LYS B 349 14.48 -28.94 -15.96
N ILE B 350 14.74 -27.85 -16.69
CA ILE B 350 14.74 -26.55 -16.04
C ILE B 350 13.36 -26.29 -15.46
N LEU B 351 12.32 -26.60 -16.24
CA LEU B 351 10.95 -26.52 -15.76
C LEU B 351 10.60 -27.63 -14.78
N GLN B 352 11.28 -28.79 -14.84
CA GLN B 352 10.92 -29.89 -13.94
C GLN B 352 11.32 -29.58 -12.51
N TYR B 353 12.61 -29.33 -12.28
CA TYR B 353 13.14 -29.12 -10.94
C TYR B 353 12.98 -27.67 -10.48
N SER B 354 11.97 -26.96 -10.97
CA SER B 354 11.70 -25.59 -10.56
C SER B 354 10.53 -25.60 -9.57
N ARG B 355 10.77 -25.08 -8.37
CA ARG B 355 9.72 -25.04 -7.36
C ARG B 355 8.76 -23.89 -7.60
N THR B 356 9.22 -22.81 -8.22
CA THR B 356 8.41 -21.66 -8.55
C THR B 356 8.69 -21.26 -10.00
N TRP B 357 8.03 -20.18 -10.45
CA TRP B 357 8.21 -19.75 -11.83
C TRP B 357 9.48 -18.93 -12.03
N TYR B 358 9.89 -18.15 -11.02
CA TYR B 358 11.10 -17.36 -11.18
C TYR B 358 12.35 -18.23 -11.19
N GLU B 359 12.32 -19.39 -10.53
CA GLU B 359 13.39 -20.36 -10.71
C GLU B 359 13.47 -20.82 -12.16
N SER B 360 12.32 -21.08 -12.77
CA SER B 360 12.30 -21.45 -14.18
C SER B 360 12.84 -20.32 -15.03
N PHE B 361 12.27 -19.13 -14.92
CA PHE B 361 12.73 -17.97 -15.69
C PHE B 361 14.22 -17.75 -15.51
N CYS B 362 14.72 -17.86 -14.27
CA CYS B 362 16.14 -17.68 -14.03
C CYS B 362 16.96 -18.74 -14.78
N GLY B 363 16.45 -19.96 -14.86
CA GLY B 363 17.18 -21.01 -15.56
C GLY B 363 17.25 -20.76 -17.05
N PHE B 364 16.11 -20.42 -17.66
CA PHE B 364 16.07 -20.20 -19.09
C PHE B 364 17.00 -19.07 -19.52
N LEU B 365 16.98 -17.96 -18.78
CA LEU B 365 17.94 -16.89 -19.03
C LEU B 365 19.36 -17.37 -18.82
N LEU B 366 19.57 -18.24 -17.82
CA LEU B 366 20.92 -18.62 -17.43
C LEU B 366 21.55 -19.60 -18.42
N TYR B 367 20.82 -20.68 -18.64
CA TYR B 367 21.40 -21.76 -19.40
C TYR B 367 20.91 -22.19 -20.79
N TYR B 368 19.91 -21.54 -21.35
CA TYR B 368 19.50 -21.94 -22.67
C TYR B 368 20.03 -20.84 -23.48
N ILE B 369 19.31 -19.76 -23.54
CA ILE B 369 19.71 -18.62 -24.30
C ILE B 369 19.75 -17.51 -23.36
N PRO B 370 20.73 -16.67 -23.46
CA PRO B 370 20.86 -15.59 -22.51
C PRO B 370 20.36 -14.32 -23.08
N SER B 371 19.43 -14.35 -24.00
CA SER B 371 18.96 -13.07 -24.49
C SER B 371 17.62 -12.70 -24.09
N LEU B 372 17.49 -11.42 -23.97
CA LEU B 372 16.29 -10.83 -23.39
C LEU B 372 15.04 -11.13 -24.20
N GLU B 373 15.17 -11.42 -25.50
CA GLU B 373 13.99 -11.53 -26.35
C GLU B 373 13.05 -12.63 -25.86
N LEU B 374 13.56 -13.85 -25.74
CA LEU B 374 12.73 -15.01 -25.41
C LEU B 374 12.10 -14.89 -24.02
N SER B 375 12.24 -13.74 -23.37
CA SER B 375 11.66 -13.52 -22.05
C SER B 375 10.15 -13.77 -22.06
N ALA B 376 9.45 -13.19 -23.03
CA ALA B 376 8.00 -13.38 -23.14
C ALA B 376 7.65 -14.87 -23.17
N GLU B 377 8.42 -15.65 -23.92
CA GLU B 377 8.20 -17.09 -23.94
C GLU B 377 8.51 -17.72 -22.59
N TYR B 378 9.70 -17.42 -22.05
CA TYR B 378 10.15 -18.01 -20.79
C TYR B 378 9.10 -17.88 -19.70
N LEU B 379 8.70 -16.64 -19.41
CA LEU B 379 7.72 -16.38 -18.37
C LEU B 379 6.45 -17.23 -18.57
N GLN B 380 5.96 -17.29 -19.81
CA GLN B 380 4.78 -18.10 -20.11
C GLN B 380 5.00 -19.56 -19.73
N MET B 381 6.12 -20.14 -20.18
CA MET B 381 6.43 -21.53 -19.83
C MET B 381 6.57 -21.69 -18.33
N SER B 382 7.25 -20.75 -17.67
CA SER B 382 7.36 -20.78 -16.21
C SER B 382 5.98 -20.69 -15.55
N LEU B 383 5.13 -19.79 -16.05
CA LEU B 383 3.77 -19.67 -15.54
C LEU B 383 2.92 -20.90 -15.87
N GLU B 384 3.36 -21.76 -16.78
CA GLU B 384 2.69 -23.03 -17.02
C GLU B 384 3.19 -24.13 -16.11
N ALA B 385 4.27 -23.89 -15.37
CA ALA B 385 4.80 -24.84 -14.40
C ALA B 385 4.40 -24.51 -12.97
N ASN B 386 4.61 -23.27 -12.54
CA ASN B 386 4.24 -22.82 -11.20
C ASN B 386 3.51 -21.49 -11.32
N VAL B 387 2.25 -21.46 -10.90
CA VAL B 387 1.43 -20.26 -11.01
C VAL B 387 1.95 -19.20 -10.04
N VAL B 388 1.50 -17.97 -10.23
CA VAL B 388 1.95 -16.86 -9.39
C VAL B 388 1.47 -17.11 -7.96
N ASP B 389 2.40 -17.13 -7.01
CA ASP B 389 2.06 -17.34 -5.61
C ASP B 389 1.42 -16.08 -5.05
N ILE B 390 0.14 -16.15 -4.69
CA ILE B 390 -0.57 -15.01 -4.14
C ILE B 390 -0.27 -14.78 -2.67
N THR B 391 0.56 -15.63 -2.05
CA THR B 391 0.93 -15.44 -0.65
C THR B 391 1.61 -14.09 -0.44
N ASN B 392 2.51 -13.72 -1.34
CA ASN B 392 3.25 -12.46 -1.26
C ASN B 392 2.69 -11.46 -2.28
N ASP B 393 3.16 -10.21 -2.17
CA ASP B 393 2.67 -9.12 -2.99
C ASP B 393 3.68 -8.65 -4.03
N TRP B 394 4.75 -9.40 -4.26
CA TRP B 394 5.75 -9.03 -5.26
C TRP B 394 5.74 -9.91 -6.49
N GLU B 395 5.14 -11.10 -6.40
CA GLU B 395 5.23 -12.07 -7.48
C GLU B 395 4.48 -11.60 -8.72
N GLN B 396 3.17 -11.40 -8.61
CA GLN B 396 2.40 -10.85 -9.72
C GLN B 396 2.98 -9.52 -10.22
N PRO B 397 3.41 -8.59 -9.36
CA PRO B 397 4.15 -7.42 -9.87
C PRO B 397 5.31 -7.77 -10.78
N CYS B 398 6.25 -8.58 -10.30
CA CYS B 398 7.39 -8.97 -11.12
C CYS B 398 6.95 -9.69 -12.38
N VAL B 399 5.96 -10.57 -12.26
CA VAL B 399 5.40 -11.25 -13.43
C VAL B 399 4.88 -10.23 -14.43
N ASP B 400 4.10 -9.26 -13.95
CA ASP B 400 3.64 -8.19 -14.82
C ASP B 400 4.81 -7.37 -15.34
N ILE B 401 5.80 -7.09 -14.48
CA ILE B 401 6.95 -6.28 -14.89
C ILE B 401 7.68 -6.95 -16.05
N ILE B 402 7.88 -8.26 -15.96
CA ILE B 402 8.56 -8.98 -17.04
C ILE B 402 7.73 -8.92 -18.32
N SER B 403 6.42 -9.11 -18.20
CA SER B 403 5.53 -9.19 -19.36
C SER B 403 4.95 -7.83 -19.73
N GLY B 404 5.82 -6.82 -19.85
CA GLY B 404 5.44 -5.54 -20.41
C GLY B 404 4.60 -4.64 -19.53
N LYS B 405 3.47 -5.13 -19.03
CA LYS B 405 2.54 -4.28 -18.30
C LYS B 405 3.16 -3.76 -17.00
N ILE B 406 3.14 -2.44 -16.85
CA ILE B 406 3.66 -1.81 -15.63
C ILE B 406 2.58 -1.05 -14.88
N HIS B 407 1.42 -0.79 -15.47
CA HIS B 407 0.38 -0.01 -14.79
C HIS B 407 -0.08 -0.68 -13.51
N SER B 408 -0.15 -2.01 -13.51
CA SER B 408 -0.76 -2.72 -12.38
C SER B 408 0.11 -2.69 -11.13
N ILE B 409 1.43 -2.57 -11.30
CA ILE B 409 2.32 -2.75 -10.16
C ILE B 409 2.41 -1.52 -9.29
N LEU B 410 2.15 -0.33 -9.84
CA LEU B 410 2.19 0.89 -9.04
C LEU B 410 1.20 0.86 -7.89
N PRO B 411 -0.06 0.45 -8.06
CA PRO B 411 -0.94 0.31 -6.89
C PRO B 411 -0.41 -0.62 -5.82
N VAL B 412 0.04 -1.82 -6.20
CA VAL B 412 0.48 -2.81 -5.22
C VAL B 412 1.64 -2.26 -4.39
N MET B 413 2.60 -1.59 -5.04
CA MET B 413 3.70 -1.00 -4.29
C MET B 413 3.22 0.13 -3.38
N GLU B 414 2.18 0.86 -3.79
CA GLU B 414 1.59 1.87 -2.91
C GLU B 414 0.95 1.23 -1.69
N SER B 415 0.50 -0.02 -1.81
CA SER B 415 0.06 -0.76 -0.64
C SER B 415 1.22 -1.13 0.28
N LEU B 416 2.45 -1.17 -0.25
CA LEU B 416 3.62 -1.49 0.54
C LEU B 416 4.21 -0.24 1.19
N ASP B 417 4.57 0.75 0.38
CA ASP B 417 5.11 2.01 0.88
C ASP B 417 4.83 3.11 -0.13
N SER B 418 4.23 4.20 0.32
CA SER B 418 3.83 5.27 -0.59
C SER B 418 5.04 6.03 -1.12
N CYS B 419 6.05 6.24 -0.28
CA CYS B 419 7.26 6.93 -0.71
C CYS B 419 7.98 6.15 -1.80
N THR B 420 8.24 4.86 -1.54
CA THR B 420 8.89 4.03 -2.54
C THR B 420 8.10 3.96 -3.82
N ALA B 421 6.77 3.81 -3.72
CA ALA B 421 5.94 3.74 -4.91
C ALA B 421 5.92 5.06 -5.67
N ALA B 422 5.90 6.19 -4.95
CA ALA B 422 5.88 7.48 -5.62
C ALA B 422 7.16 7.72 -6.40
N PHE B 423 8.31 7.52 -5.76
CA PHE B 423 9.58 7.74 -6.45
C PHE B 423 9.82 6.67 -7.51
N THR B 424 9.24 5.47 -7.35
CA THR B 424 9.34 4.46 -8.39
C THR B 424 8.62 4.92 -9.66
N ALA B 425 7.39 5.40 -9.52
CA ALA B 425 6.68 5.96 -10.66
C ALA B 425 7.42 7.14 -11.25
N MET B 426 8.15 7.89 -10.41
CA MET B 426 8.89 9.05 -10.90
C MET B 426 10.03 8.62 -11.81
N ILE B 427 10.86 7.68 -11.36
CA ILE B 427 11.98 7.24 -12.17
C ILE B 427 11.53 6.39 -13.35
N CYS B 428 10.35 5.78 -13.27
CA CYS B 428 9.82 5.07 -14.43
C CYS B 428 9.45 6.06 -15.54
N GLU B 429 8.75 7.14 -15.19
CA GLU B 429 8.48 8.20 -16.16
C GLU B 429 9.78 8.80 -16.68
N ALA B 430 10.78 8.94 -15.81
CA ALA B 430 12.09 9.45 -16.25
C ALA B 430 12.69 8.57 -17.34
N LYS B 431 12.58 7.25 -17.19
CA LYS B 431 12.94 6.30 -18.23
C LYS B 431 11.98 6.30 -19.40
N GLY B 432 10.94 7.13 -19.38
CA GLY B 432 9.86 6.98 -20.33
C GLY B 432 8.94 5.87 -19.88
N LEU B 433 9.02 4.72 -20.56
CA LEU B 433 8.31 3.50 -20.18
C LEU B 433 6.80 3.77 -19.99
N ILE B 434 6.26 4.65 -20.82
CA ILE B 434 4.86 5.00 -20.68
C ILE B 434 3.96 3.83 -21.08
N GLU B 435 2.72 3.88 -20.62
CA GLU B 435 1.68 2.93 -21.00
C GLU B 435 2.07 1.49 -20.67
N LEU B 455 -10.16 20.01 -15.10
CA LEU B 455 -9.27 19.13 -15.84
C LEU B 455 -7.81 19.52 -15.61
N GLU B 456 -7.59 20.66 -14.95
CA GLU B 456 -6.26 21.24 -14.78
C GLU B 456 -5.82 21.30 -13.33
N ASP B 457 -6.39 20.46 -12.46
CA ASP B 457 -5.96 20.40 -11.07
C ASP B 457 -4.48 20.05 -10.99
N LEU B 458 -3.87 20.37 -9.85
CA LEU B 458 -2.55 19.84 -9.55
C LEU B 458 -2.64 18.38 -9.12
N PHE B 459 -3.67 18.06 -8.33
CA PHE B 459 -3.94 16.71 -7.86
C PHE B 459 -4.54 15.84 -8.95
N SER B 460 -4.31 16.20 -10.21
CA SER B 460 -4.91 15.53 -11.35
C SER B 460 -3.86 14.76 -12.14
N TYR B 461 -4.32 13.74 -12.87
CA TYR B 461 -3.43 12.87 -13.62
C TYR B 461 -2.73 13.65 -14.73
N ARG B 462 -1.43 13.43 -14.85
CA ARG B 462 -0.71 13.95 -16.01
C ARG B 462 -0.38 12.81 -16.95
N ASN B 463 0.87 12.77 -17.43
CA ASN B 463 1.26 11.73 -18.40
C ASN B 463 1.09 10.34 -17.81
N GLY B 464 1.83 10.04 -16.76
CA GLY B 464 1.77 8.71 -16.16
C GLY B 464 1.35 8.70 -14.71
N MET B 465 0.61 9.73 -14.29
CA MET B 465 0.14 9.88 -12.91
C MET B 465 1.29 9.89 -11.90
N ALA B 466 2.50 10.25 -12.35
CA ALA B 466 3.62 10.40 -11.42
C ALA B 466 3.43 11.60 -10.52
N SER B 467 2.91 12.69 -11.08
CA SER B 467 2.55 13.85 -10.26
C SER B 467 1.59 13.47 -9.15
N TYR B 468 0.60 12.62 -9.47
CA TYR B 468 -0.27 12.10 -8.42
C TYR B 468 0.56 11.48 -7.31
N MET B 469 1.37 10.47 -7.67
CA MET B 469 2.23 9.80 -6.68
C MET B 469 3.09 10.81 -5.93
N LEU B 470 3.67 11.78 -6.64
CA LEU B 470 4.53 12.75 -5.99
C LEU B 470 3.73 13.75 -5.15
N ASN B 471 2.78 14.45 -5.78
CA ASN B 471 2.05 15.49 -5.06
C ASN B 471 1.23 14.94 -3.90
N SER B 472 0.75 13.70 -4.02
CA SER B 472 0.01 13.11 -2.92
C SER B 472 0.95 12.71 -1.78
N PHE B 473 2.13 12.17 -2.12
CA PHE B 473 3.11 11.91 -1.08
C PHE B 473 3.54 13.21 -0.41
N ALA B 474 3.62 14.29 -1.19
CA ALA B 474 3.90 15.60 -0.61
C ALA B 474 2.79 16.02 0.35
N PHE B 475 1.53 15.94 -0.12
CA PHE B 475 0.41 16.28 0.75
C PHE B 475 0.33 15.36 1.96
N GLU B 476 0.71 14.09 1.79
CA GLU B 476 0.75 13.18 2.94
C GLU B 476 1.82 13.62 3.94
N LEU B 477 2.97 14.05 3.43
CA LEU B 477 4.05 14.50 4.31
C LEU B 477 3.69 15.78 5.05
N CYS B 478 2.86 16.64 4.44
CA CYS B 478 2.52 17.91 5.07
C CYS B 478 1.82 17.71 6.41
N SER B 479 1.10 16.60 6.57
CA SER B 479 0.40 16.32 7.82
C SER B 479 1.25 15.55 8.83
N LEU B 480 2.43 15.07 8.43
CA LEU B 480 3.24 14.24 9.31
C LEU B 480 3.82 15.00 10.49
N GLY B 481 3.82 16.33 10.45
CA GLY B 481 4.34 17.11 11.56
C GLY B 481 5.83 17.00 11.80
N ASP B 482 6.58 16.43 10.88
CA ASP B 482 8.03 16.36 10.97
C ASP B 482 8.61 17.53 10.17
N LYS B 483 9.14 18.53 10.88
CA LYS B 483 9.65 19.72 10.24
C LYS B 483 10.91 19.46 9.42
N GLU B 484 11.55 18.31 9.60
CA GLU B 484 12.70 17.94 8.78
C GLU B 484 12.28 17.48 7.39
N LEU B 485 11.01 17.15 7.19
CA LEU B 485 10.50 16.70 5.90
C LEU B 485 9.63 17.73 5.20
N TRP B 486 9.23 18.80 5.88
CA TRP B 486 8.52 19.88 5.19
C TRP B 486 9.35 20.51 4.07
N PRO B 487 10.67 20.70 4.18
CA PRO B 487 11.44 21.11 3.01
C PRO B 487 11.30 20.14 1.84
N VAL B 488 11.24 18.84 2.13
CA VAL B 488 11.08 17.85 1.06
C VAL B 488 9.75 18.04 0.36
N ALA B 489 8.68 18.25 1.13
CA ALA B 489 7.35 18.40 0.54
C ALA B 489 7.24 19.69 -0.27
N ILE B 490 7.72 20.80 0.29
CA ILE B 490 7.65 22.07 -0.41
C ILE B 490 8.50 22.04 -1.68
N GLY B 491 9.68 21.42 -1.60
CA GLY B 491 10.49 21.27 -2.79
C GLY B 491 9.83 20.38 -3.82
N LEU B 492 9.25 19.26 -3.39
CA LEU B 492 8.61 18.33 -4.32
C LEU B 492 7.42 18.99 -5.02
N ILE B 493 6.74 19.92 -4.36
CA ILE B 493 5.65 20.64 -5.01
C ILE B 493 6.20 21.69 -5.97
N ALA B 494 7.26 22.39 -5.57
CA ALA B 494 7.89 23.37 -6.44
C ALA B 494 8.51 22.75 -7.69
N LEU B 495 8.80 21.45 -7.66
CA LEU B 495 9.42 20.76 -8.77
C LEU B 495 8.42 19.99 -9.62
N SER B 496 7.12 20.13 -9.35
CA SER B 496 6.12 19.42 -10.14
C SER B 496 6.03 20.01 -11.54
N ALA B 497 6.07 19.15 -12.55
CA ALA B 497 5.89 19.61 -13.92
C ALA B 497 4.45 20.03 -14.19
N THR B 498 3.52 19.63 -13.33
CA THR B 498 2.12 20.01 -13.46
C THR B 498 1.81 21.23 -12.61
N GLY B 499 0.80 21.97 -13.02
CA GLY B 499 0.37 23.13 -12.27
C GLY B 499 1.12 24.39 -12.67
N THR B 500 0.40 25.50 -12.63
CA THR B 500 0.98 26.82 -12.90
C THR B 500 2.05 27.16 -11.86
N ARG B 501 2.85 28.18 -12.17
CA ARG B 501 3.61 28.85 -11.12
C ARG B 501 2.67 29.37 -10.03
N SER B 502 1.47 29.83 -10.43
CA SER B 502 0.51 30.31 -9.45
C SER B 502 -0.22 29.16 -8.76
N ALA B 503 -0.36 28.02 -9.45
CA ALA B 503 -0.95 26.84 -8.81
C ALA B 503 -0.09 26.38 -7.64
N LYS B 504 1.22 26.24 -7.86
CA LYS B 504 2.12 25.94 -6.76
C LYS B 504 2.16 27.08 -5.76
N LYS B 505 1.99 28.32 -6.23
CA LYS B 505 1.92 29.46 -5.33
C LYS B 505 0.70 29.36 -4.42
N MET B 506 -0.44 28.96 -4.96
CA MET B 506 -1.62 28.72 -4.12
C MET B 506 -1.38 27.61 -3.13
N VAL B 507 -0.73 26.51 -3.57
CA VAL B 507 -0.50 25.36 -2.70
C VAL B 507 0.40 25.75 -1.53
N ILE B 508 1.48 26.47 -1.81
CA ILE B 508 2.39 26.89 -0.75
C ILE B 508 1.70 27.88 0.17
N ALA B 509 0.89 28.79 -0.39
CA ALA B 509 0.24 29.79 0.43
C ALA B 509 -0.75 29.15 1.41
N GLU B 510 -1.43 28.08 0.99
CA GLU B 510 -2.38 27.40 1.85
C GLU B 510 -1.71 26.44 2.83
N LEU B 511 -0.53 25.91 2.48
CA LEU B 511 0.14 24.89 3.27
C LEU B 511 1.14 25.46 4.27
N LEU B 512 1.84 26.53 3.89
CA LEU B 512 2.94 27.02 4.72
C LEU B 512 2.54 27.47 6.13
N PRO B 513 1.37 28.09 6.37
CA PRO B 513 1.02 28.45 7.75
C PRO B 513 1.02 27.28 8.71
N HIS B 514 0.70 26.08 8.25
CA HIS B 514 0.68 24.91 9.11
C HIS B 514 2.06 24.32 9.37
N TYR B 515 3.13 25.00 8.96
CA TYR B 515 4.47 24.45 9.13
C TYR B 515 4.85 24.46 10.60
N PRO B 516 5.36 23.34 11.15
CA PRO B 516 5.73 23.28 12.58
C PRO B 516 7.04 23.98 12.88
N PHE B 517 7.03 25.31 12.80
CA PHE B 517 8.19 26.10 13.19
C PHE B 517 8.25 26.19 14.72
N VAL B 518 9.43 25.91 15.28
CA VAL B 518 9.56 25.81 16.72
C VAL B 518 10.86 26.45 17.21
N THR B 519 11.78 26.73 16.29
CA THR B 519 13.07 27.32 16.65
C THR B 519 13.21 28.69 15.99
N ASN B 520 14.00 29.57 16.62
CA ASN B 520 14.10 30.95 16.16
C ASN B 520 14.84 31.06 14.84
N ASP B 521 15.71 30.11 14.52
CA ASP B 521 16.45 30.13 13.27
C ASP B 521 15.70 29.47 12.12
N ASP B 522 14.59 28.79 12.40
CA ASP B 522 13.86 28.09 11.35
C ASP B 522 12.99 29.05 10.55
N ILE B 523 12.54 30.16 11.14
CA ILE B 523 11.60 31.04 10.45
C ILE B 523 12.25 31.74 9.25
N GLU B 524 13.59 31.76 9.20
CA GLU B 524 14.26 32.27 8.00
C GLU B 524 13.84 31.48 6.76
N TRP B 525 13.62 30.17 6.94
CA TRP B 525 13.18 29.32 5.84
C TRP B 525 11.80 29.73 5.34
N MET B 526 10.87 29.96 6.28
CA MET B 526 9.52 30.36 5.90
C MET B 526 9.53 31.71 5.18
N LEU B 527 10.26 32.68 5.74
CA LEU B 527 10.29 34.01 5.13
C LEU B 527 10.98 33.98 3.77
N SER B 528 12.03 33.17 3.63
CA SER B 528 12.72 33.06 2.34
C SER B 528 11.80 32.45 1.28
N ILE B 529 10.99 31.46 1.65
CA ILE B 529 10.05 30.89 0.70
C ILE B 529 8.95 31.88 0.37
N CYS B 530 8.45 32.61 1.38
CA CYS B 530 7.49 33.67 1.12
C CYS B 530 8.04 34.67 0.11
N VAL B 531 9.33 35.00 0.21
CA VAL B 531 9.96 35.90 -0.76
C VAL B 531 10.16 35.19 -2.09
N GLU B 532 10.49 33.90 -2.05
CA GLU B 532 10.78 33.17 -3.28
C GLU B 532 9.53 33.00 -4.14
N TRP B 533 8.38 32.78 -3.51
CA TRP B 533 7.12 32.58 -4.22
C TRP B 533 6.22 33.80 -4.18
N ARG B 534 6.76 34.96 -3.83
CA ARG B 534 6.04 36.23 -3.79
C ARG B 534 4.77 36.12 -2.95
N LEU B 535 4.97 35.81 -1.68
CA LEU B 535 3.89 35.78 -0.69
C LEU B 535 4.31 36.56 0.55
N PRO B 536 4.55 37.87 0.42
CA PRO B 536 4.97 38.63 1.61
C PRO B 536 3.86 38.79 2.63
N GLU B 537 2.60 38.71 2.20
CA GLU B 537 1.48 38.80 3.14
C GLU B 537 1.53 37.66 4.15
N ILE B 538 1.89 36.46 3.70
CA ILE B 538 2.03 35.34 4.63
C ILE B 538 3.27 35.52 5.49
N ALA B 539 4.31 36.15 4.96
CA ALA B 539 5.51 36.40 5.74
C ALA B 539 5.21 37.27 6.95
N LYS B 540 4.51 38.39 6.73
CA LYS B 540 4.18 39.26 7.85
C LYS B 540 3.11 38.65 8.74
N GLU B 541 2.19 37.87 8.17
CA GLU B 541 1.19 37.20 9.00
C GLU B 541 1.81 36.13 9.88
N ILE B 542 2.93 35.56 9.46
CA ILE B 542 3.63 34.58 10.29
C ILE B 542 4.45 35.28 11.37
N TYR B 543 5.05 36.42 11.05
CA TYR B 543 5.77 37.18 12.06
C TYR B 543 4.83 37.78 13.10
N THR B 544 3.56 37.99 12.76
CA THR B 544 2.59 38.42 13.77
C THR B 544 2.35 37.32 14.79
N THR B 545 2.18 36.07 14.32
CA THR B 545 2.05 34.95 15.24
C THR B 545 3.30 34.80 16.10
N LEU B 546 4.48 34.92 15.48
CA LEU B 546 5.71 34.99 16.26
C LEU B 546 5.69 36.16 17.23
N GLY B 547 4.97 37.23 16.88
CA GLY B 547 4.85 38.40 17.74
C GLY B 547 4.47 38.08 19.16
N ASN B 548 5.30 38.53 20.10
CA ASN B 548 5.12 38.30 21.53
C ASN B 548 5.18 36.82 21.90
N GLN B 549 5.80 36.01 21.03
CA GLN B 549 5.89 34.56 21.23
C GLN B 549 4.52 33.97 21.54
N MET B 550 3.58 34.21 20.61
CA MET B 550 2.18 33.85 20.78
C MET B 550 1.58 34.55 22.00
N LEU B 551 1.76 35.87 22.05
CA LEU B 551 1.18 36.74 23.07
C LEU B 551 1.71 36.41 24.47
N SER B 552 3.03 36.52 24.62
CA SER B 552 3.72 36.40 25.90
C SER B 552 3.33 35.10 26.60
N ALA B 553 3.45 33.98 25.88
CA ALA B 553 3.05 32.66 26.37
C ALA B 553 4.14 31.98 27.20
N HIS B 554 4.99 32.74 27.88
CA HIS B 554 6.03 32.18 28.73
C HIS B 554 6.52 33.27 29.69
N ASN B 555 7.66 33.02 30.32
CA ASN B 555 8.29 33.99 31.20
C ASN B 555 9.63 34.45 30.59
N ILE B 556 10.67 33.62 30.65
CA ILE B 556 11.93 33.97 30.02
C ILE B 556 11.79 34.00 28.50
N ILE B 557 11.19 32.95 27.93
CA ILE B 557 10.99 32.83 26.48
C ILE B 557 12.31 33.03 25.73
N GLU B 558 13.30 32.21 26.09
CA GLU B 558 14.63 32.35 25.54
C GLU B 558 14.64 31.91 24.07
N SER B 559 15.81 32.04 23.44
CA SER B 559 15.93 31.67 22.03
C SER B 559 15.59 30.20 21.81
N ILE B 560 16.00 29.34 22.74
CA ILE B 560 15.62 27.93 22.70
C ILE B 560 14.72 27.56 23.87
N GLN C 1 14.67 -55.55 -30.17
CA GLN C 1 13.81 -56.16 -29.18
C GLN C 1 13.90 -55.45 -27.84
N VAL C 2 12.90 -54.61 -27.56
CA VAL C 2 12.77 -53.97 -26.27
C VAL C 2 11.42 -54.39 -25.69
N GLN C 3 11.26 -54.18 -24.38
CA GLN C 3 10.09 -54.65 -23.68
C GLN C 3 9.52 -53.54 -22.82
N LEU C 4 8.28 -53.76 -22.35
CA LEU C 4 7.59 -52.82 -21.47
C LEU C 4 6.95 -53.63 -20.36
N VAL C 5 7.68 -53.82 -19.27
CA VAL C 5 7.18 -54.60 -18.13
C VAL C 5 6.53 -53.66 -17.12
N GLU C 6 5.46 -54.14 -16.50
CA GLU C 6 4.65 -53.37 -15.57
C GLU C 6 4.17 -54.28 -14.46
N THR C 7 3.96 -53.70 -13.28
CA THR C 7 3.58 -54.45 -12.10
C THR C 7 2.81 -53.53 -11.15
N GLY C 8 2.33 -54.11 -10.05
CA GLY C 8 1.66 -53.36 -9.02
C GLY C 8 0.16 -53.52 -8.96
N GLY C 9 -0.45 -54.26 -9.89
CA GLY C 9 -1.88 -54.41 -9.89
C GLY C 9 -2.36 -55.43 -8.88
N GLY C 10 -3.69 -55.50 -8.75
CA GLY C 10 -4.27 -56.35 -7.72
C GLY C 10 -5.69 -55.93 -7.41
N LEU C 11 -6.23 -56.57 -6.38
CA LEU C 11 -7.65 -56.49 -6.05
C LEU C 11 -7.77 -55.78 -4.70
N VAL C 12 -8.43 -54.63 -4.67
CA VAL C 12 -8.56 -53.87 -3.44
C VAL C 12 -10.01 -53.43 -3.29
N GLN C 13 -10.36 -52.99 -2.08
CA GLN C 13 -11.62 -52.47 -1.61
C GLN C 13 -11.83 -50.99 -1.95
N PRO C 14 -13.08 -50.55 -2.06
CA PRO C 14 -13.34 -49.16 -2.45
C PRO C 14 -12.79 -48.19 -1.42
N GLY C 15 -12.11 -47.16 -1.91
CA GLY C 15 -11.39 -46.24 -1.06
C GLY C 15 -9.96 -46.67 -0.75
N GLY C 16 -9.52 -47.82 -1.26
CA GLY C 16 -8.16 -48.28 -1.06
C GLY C 16 -7.20 -47.69 -2.08
N SER C 17 -5.93 -48.06 -1.92
CA SER C 17 -4.85 -47.52 -2.73
C SER C 17 -4.13 -48.62 -3.49
N LEU C 18 -3.57 -48.25 -4.65
CA LEU C 18 -2.71 -49.12 -5.42
C LEU C 18 -1.58 -48.32 -6.04
N ARG C 19 -0.51 -49.01 -6.41
CA ARG C 19 0.69 -48.38 -6.96
C ARG C 19 1.14 -49.16 -8.18
N LEU C 20 1.04 -48.54 -9.37
CA LEU C 20 1.43 -49.17 -10.61
C LEU C 20 2.82 -48.69 -11.03
N SER C 21 3.63 -49.61 -11.52
CA SER C 21 5.00 -49.32 -11.94
C SER C 21 5.22 -49.86 -13.34
N CYS C 22 6.06 -49.15 -14.11
CA CYS C 22 6.37 -49.59 -15.46
C CYS C 22 7.76 -49.09 -15.85
N ALA C 23 8.40 -49.93 -16.70
CA ALA C 23 9.74 -49.78 -17.29
C ALA C 23 9.82 -49.95 -18.86
N ALA C 24 10.83 -49.33 -19.48
CA ALA C 24 11.03 -49.31 -20.95
C ALA C 24 12.48 -49.09 -21.51
N SER C 25 12.66 -49.14 -22.84
CA SER C 25 13.97 -48.96 -23.53
C SER C 25 14.09 -47.81 -24.59
N GLY C 26 15.18 -47.07 -24.48
CA GLY C 26 15.37 -45.91 -25.32
C GLY C 26 15.11 -44.76 -24.36
N PHE C 27 13.85 -44.29 -24.33
CA PHE C 27 13.46 -43.17 -23.48
C PHE C 27 14.42 -42.01 -23.78
N THR C 28 14.52 -41.67 -25.06
CA THR C 28 15.49 -40.68 -25.54
C THR C 28 14.97 -39.25 -25.79
N LEU C 29 15.24 -38.35 -24.83
CA LEU C 29 14.79 -36.91 -24.76
C LEU C 29 13.26 -36.71 -24.58
N ASP C 30 12.66 -35.79 -25.32
CA ASP C 30 11.24 -35.47 -25.17
C ASP C 30 10.35 -35.93 -26.31
N ASP C 31 9.32 -35.11 -26.58
CA ASP C 31 8.27 -35.36 -27.59
C ASP C 31 7.54 -36.68 -27.31
N TYR C 32 7.30 -36.93 -26.02
CA TYR C 32 6.66 -38.14 -25.55
C TYR C 32 5.15 -38.19 -25.64
N ALA C 33 4.65 -39.41 -25.66
CA ALA C 33 3.24 -39.71 -25.68
C ALA C 33 3.14 -40.83 -24.66
N ILE C 34 4.19 -40.95 -23.85
CA ILE C 34 4.25 -42.00 -22.82
C ILE C 34 3.30 -41.92 -21.62
N GLY C 35 2.38 -42.88 -21.48
CA GLY C 35 1.56 -42.84 -20.27
C GLY C 35 0.65 -44.03 -20.05
N TRP C 36 -0.13 -43.98 -18.98
CA TRP C 36 -1.06 -45.03 -18.61
C TRP C 36 -2.37 -44.87 -19.37
N PHE C 37 -2.81 -45.95 -19.99
CA PHE C 37 -4.15 -46.09 -20.54
C PHE C 37 -4.86 -47.21 -19.79
N ARG C 38 -6.16 -47.30 -19.96
CA ARG C 38 -6.93 -48.37 -19.33
C ARG C 38 -8.02 -48.85 -20.27
N GLN C 39 -8.43 -50.10 -20.09
CA GLN C 39 -9.51 -50.68 -20.87
C GLN C 39 -10.43 -51.43 -19.92
N ALA C 40 -11.68 -50.95 -19.83
CA ALA C 40 -12.69 -51.67 -19.07
C ALA C 40 -13.19 -52.87 -19.87
N PRO C 41 -13.70 -53.90 -19.20
CA PRO C 41 -14.17 -55.08 -19.92
C PRO C 41 -15.33 -54.73 -20.86
N GLY C 42 -15.08 -54.88 -22.16
CA GLY C 42 -16.05 -54.58 -23.18
C GLY C 42 -15.95 -53.17 -23.74
N LYS C 43 -15.43 -52.22 -22.96
CA LYS C 43 -15.32 -50.85 -23.42
C LYS C 43 -14.07 -50.66 -24.26
N GLU C 44 -13.87 -49.45 -24.76
CA GLU C 44 -12.68 -49.10 -25.51
C GLU C 44 -11.60 -48.56 -24.57
N ARG C 45 -10.37 -48.54 -25.07
CA ARG C 45 -9.23 -48.12 -24.27
C ARG C 45 -9.18 -46.60 -24.20
N GLU C 46 -9.16 -46.06 -22.98
CA GLU C 46 -9.11 -44.63 -22.74
C GLU C 46 -7.81 -44.27 -22.02
N GLY C 47 -7.36 -43.04 -22.24
CA GLY C 47 -6.13 -42.57 -21.62
C GLY C 47 -6.37 -42.19 -20.18
N VAL C 48 -5.49 -42.65 -19.29
CA VAL C 48 -5.61 -42.33 -17.88
C VAL C 48 -4.73 -41.14 -17.56
N SER C 49 -3.44 -41.27 -17.86
CA SER C 49 -2.51 -40.20 -17.54
C SER C 49 -1.34 -40.24 -18.51
N CYS C 50 -0.70 -39.10 -18.70
CA CYS C 50 0.41 -39.06 -19.63
C CYS C 50 1.32 -37.88 -19.34
N ILE C 51 2.62 -38.16 -19.39
CA ILE C 51 3.67 -37.17 -19.21
C ILE C 51 3.91 -36.50 -20.56
N SER C 52 3.39 -35.29 -20.76
CA SER C 52 3.68 -34.62 -22.02
C SER C 52 5.12 -34.13 -22.02
N ARG C 53 5.42 -33.09 -21.24
CA ARG C 53 6.77 -32.57 -21.17
C ARG C 53 7.55 -33.34 -20.11
N SER C 54 8.85 -33.10 -20.00
CA SER C 54 9.67 -33.78 -19.00
C SER C 54 9.59 -33.06 -17.65
N GLY C 55 8.44 -33.22 -17.00
CA GLY C 55 8.16 -32.60 -15.72
C GLY C 55 7.49 -31.24 -15.85
N GLY C 56 7.39 -30.74 -17.08
CA GLY C 56 6.76 -29.46 -17.36
C GLY C 56 5.27 -29.48 -17.04
N SER C 57 4.62 -30.59 -17.39
CA SER C 57 3.19 -30.74 -17.15
C SER C 57 2.73 -32.19 -17.20
N THR C 58 1.44 -32.39 -16.97
CA THR C 58 0.80 -33.70 -16.97
C THR C 58 -0.53 -33.57 -17.68
N THR C 59 -0.95 -34.64 -18.35
CA THR C 59 -2.28 -34.71 -18.93
C THR C 59 -3.03 -35.87 -18.27
N TYR C 60 -4.03 -35.54 -17.47
CA TYR C 60 -4.90 -36.50 -16.83
C TYR C 60 -6.25 -36.56 -17.53
N THR C 61 -6.94 -37.68 -17.34
CA THR C 61 -8.34 -37.76 -17.73
C THR C 61 -9.23 -37.20 -16.61
N ASP C 62 -10.45 -36.81 -16.99
CA ASP C 62 -11.31 -36.07 -16.07
C ASP C 62 -11.95 -36.95 -15.01
N SER C 63 -11.82 -38.27 -15.10
CA SER C 63 -12.39 -39.16 -14.09
C SER C 63 -11.41 -39.55 -13.00
N VAL C 64 -10.14 -39.14 -13.11
CA VAL C 64 -9.13 -39.46 -12.11
C VAL C 64 -8.43 -38.22 -11.59
N LYS C 65 -8.82 -37.03 -12.03
CA LYS C 65 -8.13 -35.82 -11.61
C LYS C 65 -8.42 -35.52 -10.14
N GLY C 66 -7.37 -35.33 -9.34
CA GLY C 66 -7.50 -35.17 -7.91
C GLY C 66 -7.40 -36.46 -7.13
N ARG C 67 -7.34 -37.60 -7.79
CA ARG C 67 -7.22 -38.90 -7.14
C ARG C 67 -5.98 -39.65 -7.58
N PHE C 68 -5.74 -39.75 -8.88
CA PHE C 68 -4.55 -40.42 -9.39
C PHE C 68 -3.39 -39.42 -9.46
N THR C 69 -2.17 -39.94 -9.36
CA THR C 69 -0.97 -39.13 -9.45
C THR C 69 0.05 -39.87 -10.29
N ILE C 70 0.48 -39.26 -11.38
CA ILE C 70 1.51 -39.84 -12.24
C ILE C 70 2.83 -39.17 -11.92
N SER C 71 3.91 -39.97 -11.94
CA SER C 71 5.26 -39.43 -11.81
C SER C 71 6.21 -40.22 -12.70
N ARG C 72 7.29 -39.58 -13.11
CA ARG C 72 8.28 -40.19 -13.98
C ARG C 72 9.68 -39.98 -13.40
N ASP C 73 10.56 -40.93 -13.62
CA ASP C 73 11.87 -40.74 -13.07
C ASP C 73 12.58 -39.91 -14.16
N ASN C 74 13.39 -38.93 -13.75
CA ASN C 74 13.98 -38.01 -14.73
C ASN C 74 14.75 -38.66 -15.86
N ALA C 75 14.44 -38.21 -17.08
CA ALA C 75 15.04 -38.69 -18.32
C ALA C 75 15.15 -40.21 -18.34
N GLU C 76 14.09 -40.89 -17.89
CA GLU C 76 14.15 -42.34 -17.84
C GLU C 76 12.80 -42.96 -18.17
N ASN C 77 12.88 -44.23 -18.55
CA ASN C 77 11.82 -44.97 -19.20
C ASN C 77 10.98 -45.74 -18.19
N THR C 78 10.67 -45.06 -17.08
CA THR C 78 9.87 -45.59 -15.99
C THR C 78 8.74 -44.62 -15.65
N VAL C 79 7.65 -45.18 -15.13
CA VAL C 79 6.47 -44.42 -14.74
C VAL C 79 5.88 -45.07 -13.50
N TYR C 80 5.26 -44.23 -12.66
CA TYR C 80 4.53 -44.68 -11.49
C TYR C 80 3.17 -44.00 -11.47
N LEU C 81 2.13 -44.80 -11.27
CA LEU C 81 0.76 -44.30 -11.17
C LEU C 81 0.25 -44.65 -9.78
N GLN C 82 0.16 -43.63 -8.92
CA GLN C 82 -0.40 -43.79 -7.59
C GLN C 82 -1.91 -43.58 -7.66
N MET C 83 -2.67 -44.63 -7.35
CA MET C 83 -4.12 -44.62 -7.44
C MET C 83 -4.67 -44.52 -6.03
N ASN C 84 -5.07 -43.31 -5.65
CA ASN C 84 -5.72 -43.01 -4.38
C ASN C 84 -7.23 -42.91 -4.57
N SER C 85 -7.97 -43.26 -3.52
CA SER C 85 -9.43 -43.20 -3.52
C SER C 85 -10.02 -43.98 -4.69
N LEU C 86 -9.65 -45.26 -4.75
CA LEU C 86 -10.13 -46.12 -5.82
C LEU C 86 -11.61 -46.42 -5.65
N LYS C 87 -12.33 -46.45 -6.75
CA LYS C 87 -13.77 -46.66 -6.80
C LYS C 87 -14.09 -47.71 -7.84
N PRO C 88 -15.29 -48.30 -7.79
CA PRO C 88 -15.65 -49.33 -8.78
C PRO C 88 -15.61 -48.87 -10.24
N GLU C 89 -15.43 -47.58 -10.51
CA GLU C 89 -15.33 -47.10 -11.87
C GLU C 89 -13.91 -47.21 -12.43
N ASP C 90 -12.93 -47.57 -11.60
CA ASP C 90 -11.56 -47.75 -12.05
C ASP C 90 -11.22 -49.19 -12.39
N THR C 91 -12.20 -50.11 -12.31
CA THR C 91 -11.96 -51.50 -12.61
C THR C 91 -11.68 -51.67 -14.10
N ALA C 92 -10.44 -52.03 -14.43
CA ALA C 92 -10.03 -52.19 -15.83
C ALA C 92 -8.68 -52.90 -15.86
N VAL C 93 -8.22 -53.15 -17.08
CA VAL C 93 -6.85 -53.60 -17.34
C VAL C 93 -6.05 -52.38 -17.76
N TYR C 94 -5.03 -52.04 -16.99
CA TYR C 94 -4.22 -50.86 -17.26
C TYR C 94 -3.00 -51.23 -18.10
N TYR C 95 -2.66 -50.36 -19.03
CA TYR C 95 -1.59 -50.56 -19.99
C TYR C 95 -0.60 -49.40 -19.93
N CYS C 96 0.69 -49.74 -19.99
CA CYS C 96 1.76 -48.76 -20.12
C CYS C 96 2.00 -48.52 -21.61
N ALA C 97 2.07 -47.25 -22.00
CA ALA C 97 2.28 -46.86 -23.38
C ALA C 97 3.39 -45.83 -23.42
N ALA C 98 4.08 -45.75 -24.55
CA ALA C 98 5.30 -44.97 -24.57
C ALA C 98 5.73 -44.71 -26.02
N ALA C 99 7.04 -44.45 -26.17
CA ALA C 99 7.71 -44.19 -27.44
C ALA C 99 9.21 -44.49 -27.27
N ARG C 100 9.78 -45.30 -28.16
CA ARG C 100 11.19 -45.71 -28.08
C ARG C 100 12.26 -44.62 -28.20
N THR C 101 12.09 -43.69 -29.14
CA THR C 101 13.04 -42.60 -29.35
C THR C 101 12.25 -41.28 -29.43
N ARG C 102 12.92 -40.13 -29.49
CA ARG C 102 12.09 -38.93 -29.54
C ARG C 102 12.52 -37.92 -30.61
N GLY C 103 11.98 -38.10 -31.81
CA GLY C 103 12.24 -37.22 -32.93
C GLY C 103 10.91 -36.95 -33.61
N THR C 104 10.76 -35.79 -34.25
CA THR C 104 9.48 -35.52 -34.89
C THR C 104 9.23 -36.56 -35.98
N CYS C 105 10.26 -36.81 -36.78
CA CYS C 105 10.20 -37.85 -37.81
C CYS C 105 8.97 -37.74 -38.71
N TRP C 106 8.29 -38.86 -38.85
CA TRP C 106 7.07 -38.99 -39.64
C TRP C 106 6.09 -39.82 -38.80
N LEU C 107 4.79 -39.72 -39.09
CA LEU C 107 3.80 -40.47 -38.30
C LEU C 107 3.66 -41.90 -38.79
N ASN C 108 4.66 -42.72 -38.50
CA ASN C 108 4.68 -44.12 -38.88
C ASN C 108 5.44 -44.97 -37.85
N ARG C 109 5.12 -46.25 -37.80
CA ARG C 109 5.78 -47.19 -36.89
C ARG C 109 5.86 -46.69 -35.44
N ILE C 110 4.70 -46.56 -34.79
CA ILE C 110 4.65 -46.12 -33.40
C ILE C 110 5.30 -47.12 -32.44
N GLY C 111 6.49 -46.77 -31.96
CA GLY C 111 7.23 -47.60 -31.04
C GLY C 111 7.38 -49.02 -31.57
N MET C 112 6.96 -49.97 -30.74
CA MET C 112 6.89 -51.38 -31.10
C MET C 112 5.47 -51.86 -30.87
N ASP C 113 5.08 -52.93 -31.57
CA ASP C 113 3.69 -53.37 -31.49
C ASP C 113 3.32 -53.84 -30.09
N TYR C 114 4.25 -54.51 -29.40
CA TYR C 114 4.01 -54.86 -28.01
C TYR C 114 4.06 -53.60 -27.15
N TRP C 115 2.93 -53.19 -26.60
CA TRP C 115 2.95 -52.16 -25.57
C TRP C 115 3.17 -52.83 -24.22
N GLY C 116 2.52 -52.32 -23.19
CA GLY C 116 2.49 -53.05 -21.92
C GLY C 116 1.57 -54.25 -22.02
N LYS C 117 2.00 -55.35 -21.40
CA LYS C 117 1.23 -56.58 -21.45
C LYS C 117 -0.10 -56.42 -20.73
N GLY C 118 -0.19 -55.48 -19.80
CA GLY C 118 -1.40 -55.23 -19.05
C GLY C 118 -1.22 -55.68 -17.61
N THR C 119 -1.83 -54.94 -16.69
CA THR C 119 -1.97 -55.40 -15.33
C THR C 119 -3.40 -55.15 -14.88
N GLN C 120 -3.98 -56.12 -14.19
CA GLN C 120 -5.39 -56.06 -13.83
C GLN C 120 -5.56 -55.28 -12.54
N VAL C 121 -6.37 -54.24 -12.59
CA VAL C 121 -6.69 -53.42 -11.42
C VAL C 121 -8.20 -53.44 -11.27
N THR C 122 -8.67 -54.07 -10.19
CA THR C 122 -10.09 -54.19 -9.91
C THR C 122 -10.36 -53.79 -8.47
N VAL C 123 -11.38 -52.94 -8.32
CA VAL C 123 -11.79 -52.40 -7.04
C VAL C 123 -13.24 -52.80 -6.82
N SER C 124 -13.49 -53.52 -5.72
CA SER C 124 -14.83 -54.03 -5.46
C SER C 124 -15.73 -52.89 -4.97
N SER C 125 -17.01 -53.22 -4.78
CA SER C 125 -17.98 -52.25 -4.30
C SER C 125 -18.02 -52.25 -2.78
#